data_6H63
#
_entry.id   6H63
#
_cell.length_a   91.020
_cell.length_b   73.530
_cell.length_c   104.140
_cell.angle_alpha   90.000
_cell.angle_beta   97.660
_cell.angle_gamma   90.000
#
_symmetry.space_group_name_H-M   'P 1 21 1'
#
loop_
_entity.id
_entity.type
_entity.pdbx_description
1 polymer 'Iron hydrogenase 1'
2 non-polymer 'dicarbonyl[bis(cyanide-kappaC)]-mu-(ethanethiolatato-1kappaS:2kappaS)-mu-(ox omethylidene)diiron(2+)'
3 non-polymer 'IRON/SULFUR CLUSTER'
4 non-polymer 'FE2/S2 (INORGANIC) CLUSTER'
5 non-polymer 'MAGNESIUM ION'
6 water water
#
_entity_poly.entity_id   1
_entity_poly.type   'polypeptide(L)'
_entity_poly.pdbx_seq_one_letter_code
;MKTIIINGVQFNTDEDTTILKFARDNNIDISALCFLNNCNNDINKCEICTVEVEGTGLVTACDTLIEDGMIINTNSDAVN
EKIKSRISQLLDIHEFKCGPCNRRENCEFLKLVIKYKARASKPFLPKDKTEYVDERSKSLTVDRTKCLLCGRCVNACGKN
TETYAMKFLNKNGKTIIGAEDEKCFDDTNCLLCGQCIIACPVAALSEKSHMDRVKNALNAPEKHVIVAMAPSVRASIGEL
FNMGFGVDVTGKIYTALRQLGFDKIFDINFGADMTIMEEATELVQRIENNGPFPMFTSCCPGWVRQAENYYPELLNNLSS
AKSPQQIFGTASKTYYPSISGLDPKNVFTVTVMPCTSKKFEADRPQMEKDGLRDIDAVITTRELAKMIKDAKIPFAKLED
SEADPAMGEYSGAGAIFGATGGVMEAALRSAKDFAENAELEDIEYKQVRGLNGIKEAEVEINNNKYNVAVINGASNLFKF
MKSGMINEKQYHFIEVMACHGGCVNGGGQPHVNPKDLEKVDIKKVRASVLYNQDEHLSKRKSHENTALVKMYQNYFGKPG
EGRAHEILHFKYKKSAWSHPQFEK
;
_entity_poly.pdbx_strand_id   A,B
#
loop_
_chem_comp.id
_chem_comp.type
_chem_comp.name
_chem_comp.formula
FES non-polymer 'FE2/S2 (INORGANIC) CLUSTER' 'Fe2 S2'
FU8 non-polymer 'dicarbonyl[bis(cyanide-kappaC)]-mu-(ethanethiolatato-1kappaS:2kappaS)-mu-(ox omethylidene)diiron(2+)' 'C7 H4 Fe2 N2 O3 S2 2'
MG non-polymer 'MAGNESIUM ION' 'Mg 2'
SF4 non-polymer 'IRON/SULFUR CLUSTER' 'Fe4 S4'
#
# COMPACT_ATOMS: atom_id res chain seq x y z
N LYS A 2 14.96 -0.61 -26.18
CA LYS A 2 15.03 -2.01 -26.57
C LYS A 2 14.01 -2.35 -27.66
N THR A 3 14.19 -3.51 -28.28
CA THR A 3 13.35 -3.92 -29.40
C THR A 3 12.59 -5.21 -29.08
N ILE A 4 11.29 -5.19 -29.37
CA ILE A 4 10.44 -6.37 -29.20
C ILE A 4 9.51 -6.53 -30.39
N ILE A 5 9.22 -7.78 -30.74
CA ILE A 5 8.29 -8.10 -31.81
C ILE A 5 6.97 -8.62 -31.21
N ILE A 6 5.86 -8.03 -31.61
CA ILE A 6 4.54 -8.50 -31.17
C ILE A 6 3.66 -8.73 -32.40
N ASN A 7 3.31 -10.00 -32.63
CA ASN A 7 2.50 -10.39 -33.77
C ASN A 7 3.09 -9.89 -35.09
N GLY A 8 4.42 -9.97 -35.21
CA GLY A 8 5.10 -9.61 -36.43
C GLY A 8 5.49 -8.14 -36.51
N VAL A 9 4.87 -7.32 -35.67
CA VAL A 9 5.16 -5.89 -35.65
C VAL A 9 6.33 -5.59 -34.72
N GLN A 10 7.27 -4.77 -35.20
CA GLN A 10 8.42 -4.39 -34.39
C GLN A 10 8.19 -3.08 -33.64
N PHE A 11 8.53 -3.08 -32.35
CA PHE A 11 8.42 -1.90 -31.50
C PHE A 11 9.77 -1.56 -30.88
N ASN A 12 10.18 -0.30 -31.02
CA ASN A 12 11.37 0.22 -30.35
C ASN A 12 10.97 1.06 -29.15
N THR A 13 11.12 0.50 -27.96
CA THR A 13 10.66 1.14 -26.73
C THR A 13 11.76 1.28 -25.70
N ASP A 14 11.57 2.23 -24.78
CA ASP A 14 12.49 2.45 -23.67
C ASP A 14 11.79 2.15 -22.34
N GLU A 15 10.47 2.07 -22.38
CA GLU A 15 9.67 1.82 -21.19
C GLU A 15 9.98 0.48 -20.53
N ASP A 16 9.89 0.46 -19.21
CA ASP A 16 9.96 -0.78 -18.44
C ASP A 16 8.59 -1.08 -17.86
N THR A 17 7.87 -1.99 -18.49
CA THR A 17 6.50 -2.33 -18.09
C THR A 17 6.16 -3.77 -18.46
N THR A 18 4.92 -4.16 -18.18
CA THR A 18 4.47 -5.52 -18.47
C THR A 18 4.05 -5.66 -19.92
N ILE A 19 4.01 -6.91 -20.40
CA ILE A 19 3.57 -7.19 -21.75
C ILE A 19 2.13 -6.72 -21.94
N LEU A 20 1.30 -6.96 -20.93
CA LEU A 20 -0.11 -6.60 -20.99
C LEU A 20 -0.28 -5.10 -21.21
N LYS A 21 0.32 -4.29 -20.34
CA LYS A 21 0.10 -2.86 -20.37
C LYS A 21 0.77 -2.20 -21.58
N PHE A 22 1.87 -2.78 -22.05
CA PHE A 22 2.52 -2.27 -23.25
C PHE A 22 1.62 -2.53 -24.45
N ALA A 23 0.96 -3.68 -24.45
CA ALA A 23 0.08 -4.07 -25.53
C ALA A 23 -1.19 -3.21 -25.53
N ARG A 24 -1.69 -2.93 -24.33
CA ARG A 24 -2.86 -2.07 -24.17
C ARG A 24 -2.55 -0.66 -24.69
N ASP A 25 -1.32 -0.21 -24.47
CA ASP A 25 -0.90 1.11 -24.92
C ASP A 25 -0.73 1.20 -26.43
N ASN A 26 -0.67 0.05 -27.11
CA ASN A 26 -0.38 0.00 -28.54
C ASN A 26 -1.46 -0.73 -29.34
N ASN A 27 -2.69 -0.70 -28.83
CA ASN A 27 -3.84 -1.23 -29.55
C ASN A 27 -3.71 -2.71 -29.91
N ILE A 28 -3.09 -3.48 -29.01
CA ILE A 28 -2.99 -4.92 -29.17
C ILE A 28 -3.83 -5.58 -28.09
N ASP A 29 -4.77 -6.42 -28.50
CA ASP A 29 -5.72 -7.02 -27.57
C ASP A 29 -5.13 -8.21 -26.82
N ILE A 30 -5.21 -8.13 -25.49
CA ILE A 30 -4.87 -9.25 -24.63
C ILE A 30 -5.94 -9.33 -23.53
N SER A 31 -6.50 -10.50 -23.33
CA SER A 31 -7.54 -10.70 -22.33
C SER A 31 -6.94 -10.73 -20.93
N ALA A 32 -7.78 -10.55 -19.92
CA ALA A 32 -7.35 -10.60 -18.53
C ALA A 32 -8.55 -10.79 -17.64
N LEU A 33 -8.33 -11.36 -16.46
CA LEU A 33 -9.41 -11.59 -15.51
C LEU A 33 -9.05 -11.19 -14.09
N CYS A 34 -8.07 -11.87 -13.50
CA CYS A 34 -7.73 -11.64 -12.10
C CYS A 34 -6.86 -10.40 -11.90
N PHE A 35 -6.41 -9.79 -13.00
CA PHE A 35 -5.61 -8.58 -12.91
C PHE A 35 -6.48 -7.35 -12.71
N LEU A 36 -6.25 -6.64 -11.61
CA LEU A 36 -6.97 -5.41 -11.31
C LEU A 36 -6.20 -4.61 -10.27
N ASN A 37 -6.26 -3.29 -10.37
CA ASN A 37 -5.52 -2.42 -9.46
C ASN A 37 -4.04 -2.76 -9.41
N ASN A 38 -3.45 -2.99 -10.58
CA ASN A 38 -2.03 -3.33 -10.70
C ASN A 38 -1.64 -4.55 -9.85
N CYS A 39 -2.60 -5.46 -9.67
CA CYS A 39 -2.35 -6.70 -8.94
C CYS A 39 -3.14 -7.86 -9.55
N ASN A 40 -2.51 -9.03 -9.59
CA ASN A 40 -3.18 -10.25 -9.99
C ASN A 40 -3.23 -11.23 -8.82
N ASN A 41 -3.80 -12.41 -9.05
CA ASN A 41 -3.88 -13.43 -8.01
C ASN A 41 -2.59 -14.24 -7.96
N ASP A 42 -1.70 -13.85 -7.05
CA ASP A 42 -0.35 -14.42 -7.00
C ASP A 42 -0.34 -15.91 -6.67
N ILE A 43 -1.38 -16.38 -5.98
CA ILE A 43 -1.45 -17.77 -5.54
C ILE A 43 -2.20 -18.66 -6.52
N ASN A 44 -3.17 -18.08 -7.24
CA ASN A 44 -3.95 -18.83 -8.22
C ASN A 44 -4.17 -18.02 -9.49
N LYS A 45 -3.12 -17.86 -10.28
CA LYS A 45 -3.18 -17.09 -11.52
C LYS A 45 -4.20 -17.67 -12.49
N CYS A 46 -5.10 -16.83 -12.98
CA CYS A 46 -6.14 -17.24 -13.90
C CYS A 46 -5.57 -17.60 -15.27
N GLU A 47 -4.44 -16.99 -15.61
CA GLU A 47 -3.75 -17.25 -16.87
C GLU A 47 -4.58 -16.91 -18.11
N ILE A 48 -5.59 -16.06 -17.94
CA ILE A 48 -6.38 -15.61 -19.09
C ILE A 48 -5.53 -14.69 -19.97
N CYS A 49 -4.53 -14.06 -19.37
CA CYS A 49 -3.64 -13.13 -20.07
C CYS A 49 -2.46 -13.84 -20.72
N THR A 50 -2.59 -15.14 -20.95
CA THR A 50 -1.52 -15.93 -21.53
C THR A 50 -1.13 -15.43 -22.91
N VAL A 51 0.18 -15.27 -23.13
CA VAL A 51 0.73 -15.03 -24.45
C VAL A 51 1.92 -15.96 -24.64
N GLU A 52 2.44 -16.02 -25.86
CA GLU A 52 3.56 -16.90 -26.17
C GLU A 52 4.82 -16.09 -26.49
N VAL A 53 5.87 -16.30 -25.70
CA VAL A 53 7.16 -15.68 -25.93
C VAL A 53 8.10 -16.69 -26.57
N GLU A 54 8.59 -16.36 -27.76
CA GLU A 54 9.47 -17.25 -28.51
C GLU A 54 10.75 -17.54 -27.73
N GLY A 55 11.02 -18.82 -27.51
CA GLY A 55 12.21 -19.25 -26.80
C GLY A 55 11.98 -19.50 -25.32
N THR A 56 10.79 -19.15 -24.84
CA THR A 56 10.44 -19.32 -23.44
C THR A 56 9.17 -20.17 -23.29
N GLY A 57 8.15 -19.85 -24.09
CA GLY A 57 6.89 -20.57 -24.06
C GLY A 57 5.73 -19.69 -23.65
N LEU A 58 4.74 -20.29 -22.98
CA LEU A 58 3.56 -19.57 -22.53
C LEU A 58 3.82 -18.82 -21.24
N VAL A 59 3.57 -17.52 -21.24
CA VAL A 59 3.78 -16.67 -20.07
C VAL A 59 2.53 -15.83 -19.81
N THR A 60 2.36 -15.41 -18.55
CA THR A 60 1.29 -14.50 -18.18
C THR A 60 1.73 -13.06 -18.44
N ALA A 61 1.03 -12.39 -19.36
CA ALA A 61 1.41 -11.06 -19.79
C ALA A 61 1.20 -10.01 -18.71
N CYS A 62 0.34 -10.29 -17.73
CA CYS A 62 -0.04 -9.29 -16.74
C CYS A 62 1.01 -9.05 -15.66
N ASP A 63 2.00 -9.93 -15.56
CA ASP A 63 3.05 -9.79 -14.56
C ASP A 63 4.44 -10.13 -15.10
N THR A 64 4.55 -10.25 -16.42
CA THR A 64 5.83 -10.46 -17.09
C THR A 64 6.30 -9.18 -17.76
N LEU A 65 7.50 -8.73 -17.39
CA LEU A 65 8.07 -7.51 -17.95
C LEU A 65 8.55 -7.73 -19.37
N ILE A 66 8.51 -6.68 -20.18
CA ILE A 66 9.04 -6.75 -21.55
C ILE A 66 10.56 -6.67 -21.48
N GLU A 67 11.22 -7.23 -22.49
CA GLU A 67 12.68 -7.22 -22.53
C GLU A 67 13.19 -7.37 -23.96
N ASP A 68 14.36 -6.80 -24.23
CA ASP A 68 14.95 -6.81 -25.57
C ASP A 68 15.09 -8.23 -26.12
N GLY A 69 14.74 -8.40 -27.38
CA GLY A 69 14.86 -9.69 -28.05
C GLY A 69 13.59 -10.53 -27.97
N MET A 70 12.55 -10.01 -27.33
CA MET A 70 11.30 -10.73 -27.21
C MET A 70 10.50 -10.73 -28.51
N ILE A 71 10.08 -11.91 -28.93
CA ILE A 71 9.11 -12.06 -30.03
C ILE A 71 7.85 -12.69 -29.46
N ILE A 72 6.77 -11.90 -29.43
CA ILE A 72 5.55 -12.30 -28.74
C ILE A 72 4.42 -12.58 -29.73
N ASN A 73 3.66 -13.61 -29.47
CA ASN A 73 2.44 -13.91 -30.19
C ASN A 73 1.25 -14.09 -29.28
N THR A 74 0.24 -13.28 -29.48
CA THR A 74 -0.88 -13.20 -28.56
C THR A 74 -2.11 -13.97 -29.02
N ASN A 75 -2.09 -14.44 -30.27
CA ASN A 75 -3.27 -15.08 -30.85
C ASN A 75 -2.94 -16.34 -31.64
N SER A 76 -1.97 -17.11 -31.16
CA SER A 76 -1.65 -18.40 -31.76
C SER A 76 -2.67 -19.42 -31.29
N ASP A 77 -2.68 -20.60 -31.92
CA ASP A 77 -3.62 -21.65 -31.56
C ASP A 77 -3.34 -22.18 -30.15
N ALA A 78 -2.05 -22.30 -29.82
CA ALA A 78 -1.66 -22.81 -28.52
C ALA A 78 -2.09 -21.85 -27.40
N VAL A 79 -2.01 -20.56 -27.68
CA VAL A 79 -2.41 -19.54 -26.71
C VAL A 79 -3.92 -19.62 -26.47
N ASN A 80 -4.69 -19.60 -27.56
CA ASN A 80 -6.14 -19.64 -27.47
C ASN A 80 -6.66 -20.91 -26.82
N GLU A 81 -5.98 -22.03 -27.08
CA GLU A 81 -6.36 -23.30 -26.50
C GLU A 81 -6.18 -23.27 -24.98
N LYS A 82 -5.08 -22.66 -24.55
CA LYS A 82 -4.81 -22.52 -23.13
C LYS A 82 -5.88 -21.66 -22.46
N ILE A 83 -6.10 -20.46 -22.99
CA ILE A 83 -7.09 -19.54 -22.43
C ILE A 83 -8.47 -20.18 -22.39
N LYS A 84 -8.90 -20.73 -23.52
CA LYS A 84 -10.20 -21.38 -23.60
C LYS A 84 -10.33 -22.50 -22.58
N SER A 85 -9.22 -23.19 -22.33
CA SER A 85 -9.20 -24.27 -21.36
C SER A 85 -9.44 -23.74 -19.96
N ARG A 86 -8.80 -22.61 -19.63
CA ARG A 86 -8.94 -22.01 -18.30
C ARG A 86 -10.38 -21.57 -18.05
N ILE A 87 -10.99 -20.95 -19.04
CA ILE A 87 -12.37 -20.48 -18.92
C ILE A 87 -13.31 -21.67 -18.76
N SER A 88 -12.97 -22.78 -19.42
CA SER A 88 -13.76 -24.00 -19.33
C SER A 88 -13.71 -24.57 -17.92
N GLN A 89 -12.53 -24.56 -17.31
CA GLN A 89 -12.35 -25.06 -15.95
C GLN A 89 -13.11 -24.19 -14.95
N LEU A 90 -13.21 -22.90 -15.24
CA LEU A 90 -13.95 -21.99 -14.37
C LEU A 90 -15.44 -22.25 -14.50
N LEU A 91 -15.87 -22.63 -15.69
CA LEU A 91 -17.28 -22.96 -15.91
C LEU A 91 -17.66 -24.24 -15.15
N ASP A 92 -16.68 -25.08 -14.85
CA ASP A 92 -16.93 -26.32 -14.12
C ASP A 92 -17.26 -26.07 -12.64
N ILE A 93 -17.06 -24.83 -12.18
CA ILE A 93 -17.36 -24.46 -10.80
C ILE A 93 -18.26 -23.22 -10.76
N HIS A 94 -18.97 -22.99 -11.85
CA HIS A 94 -19.77 -21.77 -12.01
C HIS A 94 -21.19 -22.10 -12.49
N GLU A 95 -22.18 -21.68 -11.71
CA GLU A 95 -23.58 -21.84 -12.10
C GLU A 95 -23.91 -20.89 -13.24
N PHE A 96 -23.89 -21.41 -14.46
CA PHE A 96 -24.00 -20.58 -15.66
C PHE A 96 -25.46 -20.36 -16.05
N LYS A 97 -26.14 -19.48 -15.31
CA LYS A 97 -27.51 -19.09 -15.61
C LYS A 97 -27.65 -17.57 -15.62
N CYS A 98 -27.30 -16.97 -16.75
CA CYS A 98 -27.25 -15.51 -16.85
C CYS A 98 -28.64 -14.87 -16.85
N GLY A 99 -29.67 -15.69 -17.03
CA GLY A 99 -31.04 -15.18 -17.14
C GLY A 99 -31.45 -14.22 -16.04
N PRO A 100 -31.59 -14.72 -14.81
CA PRO A 100 -31.99 -13.92 -13.66
C PRO A 100 -30.83 -13.27 -12.91
N CYS A 101 -29.63 -13.36 -13.47
CA CYS A 101 -28.44 -12.85 -12.80
C CYS A 101 -28.41 -11.33 -12.76
N ASN A 102 -27.88 -10.76 -11.68
CA ASN A 102 -27.87 -9.31 -11.50
C ASN A 102 -26.68 -8.62 -12.18
N ARG A 103 -25.79 -9.41 -12.76
CA ARG A 103 -24.67 -8.88 -13.54
C ARG A 103 -24.81 -9.24 -15.02
N ARG A 104 -26.04 -9.57 -15.42
CA ARG A 104 -26.32 -10.05 -16.77
C ARG A 104 -25.83 -9.10 -17.86
N GLU A 105 -25.97 -7.80 -17.64
CA GLU A 105 -25.71 -6.80 -18.66
C GLU A 105 -24.28 -6.26 -18.66
N ASN A 106 -23.48 -6.64 -17.65
CA ASN A 106 -22.11 -6.15 -17.56
C ASN A 106 -21.17 -7.13 -16.82
N CYS A 107 -21.22 -8.39 -17.21
CA CYS A 107 -20.38 -9.41 -16.59
C CYS A 107 -19.10 -9.62 -17.41
N GLU A 108 -17.95 -9.57 -16.73
CA GLU A 108 -16.66 -9.75 -17.39
C GLU A 108 -16.45 -11.19 -17.83
N PHE A 109 -16.93 -12.12 -17.02
CA PHE A 109 -16.73 -13.55 -17.27
C PHE A 109 -17.55 -14.01 -18.47
N LEU A 110 -18.79 -13.56 -18.55
CA LEU A 110 -19.67 -13.94 -19.65
C LEU A 110 -19.07 -13.52 -20.99
N LYS A 111 -18.51 -12.31 -21.03
CA LYS A 111 -17.93 -11.78 -22.26
C LYS A 111 -16.69 -12.58 -22.66
N LEU A 112 -16.01 -13.16 -21.67
CA LEU A 112 -14.85 -13.99 -21.93
C LEU A 112 -15.28 -15.37 -22.44
N VAL A 113 -16.39 -15.88 -21.91
CA VAL A 113 -16.93 -17.15 -22.37
C VAL A 113 -17.34 -17.04 -23.84
N ILE A 114 -18.05 -15.98 -24.16
CA ILE A 114 -18.51 -15.74 -25.53
C ILE A 114 -17.32 -15.56 -26.47
N LYS A 115 -16.35 -14.74 -26.05
CA LYS A 115 -15.20 -14.42 -26.88
C LYS A 115 -14.45 -15.67 -27.32
N TYR A 116 -14.25 -16.60 -26.39
CA TYR A 116 -13.49 -17.80 -26.66
C TYR A 116 -14.39 -19.01 -26.89
N LYS A 117 -15.71 -18.78 -26.81
CA LYS A 117 -16.69 -19.82 -27.09
C LYS A 117 -16.45 -21.09 -26.27
N ALA A 118 -16.13 -20.90 -24.99
CA ALA A 118 -15.80 -22.01 -24.10
C ALA A 118 -17.06 -22.61 -23.47
N ARG A 119 -16.97 -23.88 -23.11
CA ARG A 119 -18.07 -24.60 -22.47
C ARG A 119 -17.52 -25.46 -21.34
N ALA A 120 -18.39 -25.79 -20.38
CA ALA A 120 -18.00 -26.62 -19.25
C ALA A 120 -17.85 -28.09 -19.67
N SER A 121 -16.91 -28.79 -19.05
CA SER A 121 -16.80 -30.23 -19.24
C SER A 121 -18.03 -30.89 -18.66
N LYS A 122 -18.43 -30.43 -17.48
CA LYS A 122 -19.70 -30.82 -16.88
C LYS A 122 -20.35 -29.58 -16.26
N PRO A 123 -21.53 -29.19 -16.76
CA PRO A 123 -22.20 -28.00 -16.22
C PRO A 123 -22.43 -28.05 -14.72
N PHE A 124 -21.90 -27.05 -14.01
CA PHE A 124 -22.06 -26.96 -12.56
C PHE A 124 -23.50 -26.58 -12.22
N LEU A 125 -24.23 -27.51 -11.62
CA LEU A 125 -25.64 -27.31 -11.31
C LEU A 125 -26.03 -27.90 -9.94
N PRO A 126 -25.83 -27.11 -8.87
CA PRO A 126 -26.36 -27.47 -7.55
C PRO A 126 -27.81 -27.00 -7.42
N LYS A 127 -28.67 -27.84 -6.84
CA LYS A 127 -30.09 -27.50 -6.72
C LYS A 127 -30.43 -27.09 -5.28
N ASP A 128 -29.41 -26.75 -4.51
CA ASP A 128 -29.61 -26.17 -3.18
C ASP A 128 -28.45 -25.26 -2.85
N LYS A 129 -28.62 -23.97 -3.15
CA LYS A 129 -27.55 -22.99 -3.00
C LYS A 129 -27.47 -22.43 -1.58
N THR A 130 -28.03 -23.15 -0.62
CA THR A 130 -28.02 -22.71 0.77
C THR A 130 -26.59 -22.69 1.32
N GLU A 131 -25.84 -23.75 1.06
CA GLU A 131 -24.46 -23.85 1.52
C GLU A 131 -23.56 -22.81 0.85
N TYR A 132 -23.94 -22.37 -0.35
CA TYR A 132 -23.12 -21.46 -1.14
C TYR A 132 -23.42 -20.00 -0.88
N VAL A 133 -24.57 -19.73 -0.26
CA VAL A 133 -25.06 -18.37 -0.08
C VAL A 133 -24.98 -17.89 1.37
N ASP A 134 -24.49 -16.67 1.55
CA ASP A 134 -24.44 -16.02 2.86
C ASP A 134 -25.16 -14.67 2.78
N GLU A 135 -26.30 -14.57 3.45
CA GLU A 135 -27.12 -13.35 3.45
C GLU A 135 -27.34 -12.84 4.88
N ARG A 136 -26.43 -13.16 5.78
CA ARG A 136 -26.55 -12.77 7.18
C ARG A 136 -26.33 -11.28 7.39
N SER A 137 -25.53 -10.67 6.51
CA SER A 137 -25.16 -9.27 6.66
C SER A 137 -26.30 -8.34 6.24
N LYS A 138 -26.33 -7.16 6.85
CA LYS A 138 -27.31 -6.13 6.49
C LYS A 138 -26.88 -5.34 5.25
N SER A 139 -25.65 -5.58 4.80
CA SER A 139 -25.04 -4.78 3.74
C SER A 139 -24.55 -5.62 2.54
N LEU A 140 -23.87 -6.71 2.83
CA LEU A 140 -23.26 -7.55 1.79
C LEU A 140 -23.94 -8.91 1.65
N THR A 141 -23.82 -9.50 0.47
CA THR A 141 -24.24 -10.88 0.26
C THR A 141 -23.22 -11.61 -0.62
N VAL A 142 -23.06 -12.91 -0.37
CA VAL A 142 -22.10 -13.72 -1.10
C VAL A 142 -22.82 -14.90 -1.76
N ASP A 143 -22.55 -15.10 -3.05
CA ASP A 143 -23.02 -16.28 -3.77
C ASP A 143 -21.84 -17.01 -4.37
N ARG A 144 -21.42 -18.09 -3.72
CA ARG A 144 -20.18 -18.78 -4.10
C ARG A 144 -20.37 -19.73 -5.30
N THR A 145 -21.56 -19.75 -5.87
CA THR A 145 -21.80 -20.49 -7.11
C THR A 145 -21.30 -19.66 -8.30
N LYS A 146 -20.95 -18.41 -8.04
CA LYS A 146 -20.48 -17.50 -9.08
C LYS A 146 -18.99 -17.19 -8.91
N CYS A 147 -18.44 -17.50 -7.75
CA CYS A 147 -17.07 -17.11 -7.40
C CYS A 147 -16.02 -17.86 -8.22
N LEU A 148 -15.18 -17.09 -8.91
CA LEU A 148 -14.09 -17.64 -9.73
C LEU A 148 -12.80 -17.80 -8.94
N LEU A 149 -12.81 -17.35 -7.68
CA LEU A 149 -11.62 -17.32 -6.84
C LEU A 149 -10.49 -16.56 -7.53
N CYS A 150 -10.80 -15.36 -8.00
CA CYS A 150 -9.82 -14.52 -8.69
C CYS A 150 -9.06 -13.63 -7.70
N GLY A 151 -9.56 -13.54 -6.47
CA GLY A 151 -8.87 -12.82 -5.41
C GLY A 151 -8.93 -11.30 -5.55
N ARG A 152 -9.74 -10.80 -6.48
CA ARG A 152 -9.82 -9.36 -6.71
C ARG A 152 -10.46 -8.65 -5.52
N CYS A 153 -11.40 -9.31 -4.87
CA CYS A 153 -12.03 -8.75 -3.67
C CYS A 153 -11.02 -8.64 -2.54
N VAL A 154 -10.21 -9.69 -2.36
CA VAL A 154 -9.19 -9.73 -1.31
C VAL A 154 -8.18 -8.60 -1.49
N ASN A 155 -7.66 -8.44 -2.71
CA ASN A 155 -6.72 -7.38 -3.00
C ASN A 155 -7.35 -6.00 -2.82
N ALA A 156 -8.57 -5.83 -3.32
CA ALA A 156 -9.27 -4.56 -3.24
C ALA A 156 -9.46 -4.10 -1.80
N CYS A 157 -9.87 -5.02 -0.93
CA CYS A 157 -10.06 -4.72 0.49
C CYS A 157 -8.76 -4.26 1.12
N GLY A 158 -7.68 -4.98 0.84
CA GLY A 158 -6.38 -4.65 1.39
C GLY A 158 -5.91 -3.27 0.98
N LYS A 159 -6.02 -2.97 -0.31
CA LYS A 159 -5.54 -1.69 -0.83
C LYS A 159 -6.42 -0.54 -0.38
N ASN A 160 -7.74 -0.73 -0.39
CA ASN A 160 -8.67 0.35 -0.05
C ASN A 160 -8.80 0.60 1.44
N THR A 161 -8.89 -0.46 2.23
CA THR A 161 -9.16 -0.34 3.66
C THR A 161 -7.97 -0.70 4.55
N GLU A 162 -7.11 -1.59 4.06
CA GLU A 162 -5.99 -2.12 4.84
C GLU A 162 -6.47 -2.86 6.10
N THR A 163 -7.71 -3.33 6.09
CA THR A 163 -8.25 -4.15 7.17
C THR A 163 -8.06 -5.63 6.88
N TYR A 164 -8.01 -5.96 5.59
CA TYR A 164 -7.95 -7.35 5.14
C TYR A 164 -9.11 -8.16 5.70
N ALA A 165 -10.29 -7.53 5.76
CA ALA A 165 -11.49 -8.18 6.30
C ALA A 165 -11.95 -9.30 5.37
N MET A 166 -11.72 -9.13 4.07
CA MET A 166 -12.00 -10.17 3.10
C MET A 166 -10.77 -11.06 2.97
N LYS A 167 -10.95 -12.36 3.20
CA LYS A 167 -9.82 -13.31 3.25
C LYS A 167 -10.09 -14.58 2.46
N PHE A 168 -9.01 -15.26 2.10
CA PHE A 168 -9.10 -16.63 1.61
C PHE A 168 -9.26 -17.58 2.79
N LEU A 169 -10.26 -18.45 2.72
CA LEU A 169 -10.55 -19.38 3.81
C LEU A 169 -10.49 -20.83 3.33
N ASN A 170 -10.23 -21.73 4.27
CA ASN A 170 -10.30 -23.16 4.00
C ASN A 170 -11.51 -23.78 4.69
N LYS A 171 -12.62 -23.80 3.98
CA LYS A 171 -13.86 -24.38 4.50
C LYS A 171 -13.93 -25.86 4.15
N ASN A 172 -13.73 -26.71 5.15
CA ASN A 172 -13.84 -28.15 4.98
C ASN A 172 -12.98 -28.68 3.83
N GLY A 173 -11.76 -28.17 3.73
CA GLY A 173 -10.82 -28.63 2.72
C GLY A 173 -10.96 -27.94 1.37
N LYS A 174 -12.00 -27.12 1.24
CA LYS A 174 -12.22 -26.36 0.02
C LYS A 174 -11.78 -24.91 0.21
N THR A 175 -11.37 -24.25 -0.88
CA THR A 175 -10.99 -22.85 -0.84
C THR A 175 -12.18 -21.95 -1.15
N ILE A 176 -12.43 -20.98 -0.27
CA ILE A 176 -13.45 -19.97 -0.50
C ILE A 176 -12.94 -18.60 -0.09
N ILE A 177 -13.75 -17.57 -0.33
CA ILE A 177 -13.49 -16.23 0.20
C ILE A 177 -14.60 -15.86 1.18
N GLY A 178 -14.25 -15.06 2.18
CA GLY A 178 -15.22 -14.64 3.18
C GLY A 178 -14.57 -13.90 4.33
N ALA A 179 -15.38 -13.57 5.33
CA ALA A 179 -14.90 -12.83 6.50
C ALA A 179 -14.12 -13.74 7.45
N GLU A 180 -13.51 -13.12 8.46
CA GLU A 180 -12.76 -13.82 9.49
C GLU A 180 -13.55 -15.01 10.06
N ASP A 181 -12.93 -16.19 10.05
CA ASP A 181 -13.52 -17.39 10.63
C ASP A 181 -14.88 -17.71 10.02
N GLU A 182 -15.09 -17.25 8.78
CA GLU A 182 -16.34 -17.46 8.06
C GLU A 182 -17.53 -16.88 8.84
N LYS A 183 -17.27 -15.87 9.66
CA LYS A 183 -18.34 -15.21 10.39
C LYS A 183 -19.14 -14.29 9.48
N CYS A 184 -20.25 -13.77 10.00
CA CYS A 184 -20.96 -12.70 9.32
C CYS A 184 -20.04 -11.49 9.28
N PHE A 185 -20.02 -10.77 8.16
CA PHE A 185 -19.13 -9.63 7.99
C PHE A 185 -19.35 -8.58 9.07
N ASP A 186 -20.61 -8.35 9.42
CA ASP A 186 -20.99 -7.34 10.40
C ASP A 186 -20.34 -7.60 11.76
N ASP A 187 -20.03 -8.87 12.04
CA ASP A 187 -19.48 -9.26 13.32
C ASP A 187 -17.96 -9.27 13.32
N THR A 188 -17.36 -8.71 12.27
CA THR A 188 -15.91 -8.59 12.16
C THR A 188 -15.52 -7.12 12.06
N ASN A 189 -14.25 -6.87 11.77
CA ASN A 189 -13.76 -5.50 11.63
C ASN A 189 -14.11 -4.88 10.28
N CYS A 190 -14.80 -5.67 9.46
CA CYS A 190 -15.28 -5.21 8.15
C CYS A 190 -16.00 -3.87 8.27
N LEU A 191 -15.75 -2.97 7.30
CA LEU A 191 -16.35 -1.64 7.31
C LEU A 191 -17.68 -1.60 6.55
N LEU A 192 -17.97 -2.67 5.81
CA LEU A 192 -19.17 -2.77 4.97
C LEU A 192 -19.16 -1.69 3.90
N CYS A 193 -17.97 -1.35 3.41
CA CYS A 193 -17.80 -0.29 2.44
C CYS A 193 -18.14 -0.73 1.02
N GLY A 194 -18.14 -2.04 0.80
CA GLY A 194 -18.55 -2.60 -0.48
C GLY A 194 -17.53 -2.48 -1.60
N GLN A 195 -16.29 -2.14 -1.25
CA GLN A 195 -15.25 -2.02 -2.26
C GLN A 195 -14.92 -3.38 -2.88
N CYS A 196 -15.17 -4.45 -2.11
CA CYS A 196 -14.96 -5.80 -2.62
C CYS A 196 -15.98 -6.13 -3.72
N ILE A 197 -17.17 -5.54 -3.63
CA ILE A 197 -18.19 -5.73 -4.65
C ILE A 197 -17.74 -5.08 -5.96
N ILE A 198 -17.30 -3.83 -5.86
CA ILE A 198 -16.90 -3.05 -7.03
C ILE A 198 -15.78 -3.74 -7.81
N ALA A 199 -14.98 -4.53 -7.11
CA ALA A 199 -13.84 -5.22 -7.72
C ALA A 199 -14.23 -6.59 -8.28
N CYS A 200 -15.41 -7.08 -7.90
CA CYS A 200 -15.86 -8.40 -8.32
C CYS A 200 -16.25 -8.38 -9.80
N PRO A 201 -15.70 -9.31 -10.59
CA PRO A 201 -16.01 -9.35 -12.02
C PRO A 201 -17.34 -10.04 -12.34
N VAL A 202 -17.92 -10.69 -11.33
CA VAL A 202 -19.14 -11.46 -11.50
C VAL A 202 -20.14 -11.14 -10.39
N ALA A 203 -21.24 -11.89 -10.35
CA ALA A 203 -22.32 -11.65 -9.39
C ALA A 203 -22.12 -12.43 -8.09
N ALA A 204 -20.86 -12.75 -7.77
CA ALA A 204 -20.56 -13.46 -6.54
C ALA A 204 -20.80 -12.59 -5.31
N LEU A 205 -20.37 -11.33 -5.40
CA LEU A 205 -20.57 -10.37 -4.34
C LEU A 205 -21.62 -9.34 -4.76
N SER A 206 -22.57 -9.10 -3.87
CA SER A 206 -23.66 -8.17 -4.13
C SER A 206 -24.07 -7.45 -2.86
N GLU A 207 -24.92 -6.43 -3.00
CA GLU A 207 -25.46 -5.73 -1.85
C GLU A 207 -26.62 -6.54 -1.26
N LYS A 208 -26.91 -6.32 0.01
CA LYS A 208 -28.08 -6.94 0.63
C LYS A 208 -29.32 -6.24 0.08
N SER A 209 -30.19 -7.02 -0.55
CA SER A 209 -31.34 -6.46 -1.27
C SER A 209 -32.39 -5.88 -0.32
N HIS A 210 -32.89 -4.70 -0.67
CA HIS A 210 -33.99 -4.07 0.05
C HIS A 210 -35.18 -3.85 -0.89
N MET A 211 -35.10 -4.44 -2.08
CA MET A 211 -36.09 -4.18 -3.12
C MET A 211 -37.47 -4.72 -2.77
N ASP A 212 -37.51 -5.76 -1.94
CA ASP A 212 -38.78 -6.32 -1.48
C ASP A 212 -39.43 -5.42 -0.43
N ARG A 213 -38.60 -4.81 0.42
CA ARG A 213 -39.10 -3.83 1.38
C ARG A 213 -39.84 -2.72 0.65
N VAL A 214 -39.22 -2.24 -0.43
CA VAL A 214 -39.75 -1.11 -1.19
C VAL A 214 -41.05 -1.48 -1.91
N LYS A 215 -41.02 -2.59 -2.64
CA LYS A 215 -42.16 -2.97 -3.47
C LYS A 215 -43.40 -3.28 -2.63
N ASN A 216 -43.21 -3.93 -1.50
CA ASN A 216 -44.33 -4.23 -0.60
C ASN A 216 -44.94 -2.95 -0.03
N ALA A 217 -44.08 -1.96 0.21
CA ALA A 217 -44.54 -0.67 0.73
C ALA A 217 -45.33 0.09 -0.35
N LEU A 218 -44.84 0.05 -1.59
CA LEU A 218 -45.51 0.74 -2.69
C LEU A 218 -46.90 0.17 -2.96
N ASN A 219 -47.05 -1.13 -2.73
CA ASN A 219 -48.30 -1.81 -2.99
C ASN A 219 -49.24 -1.81 -1.79
N ALA A 220 -48.71 -1.45 -0.63
CA ALA A 220 -49.55 -1.30 0.56
C ALA A 220 -50.42 -0.05 0.42
N PRO A 221 -51.76 -0.22 0.42
CA PRO A 221 -52.65 0.93 0.20
C PRO A 221 -52.46 2.07 1.19
N GLU A 222 -52.24 1.75 2.46
CA GLU A 222 -52.19 2.76 3.51
C GLU A 222 -50.81 3.42 3.67
N LYS A 223 -49.81 2.92 2.94
CA LYS A 223 -48.45 3.42 3.07
C LYS A 223 -48.17 4.59 2.14
N HIS A 224 -47.60 5.65 2.71
CA HIS A 224 -47.13 6.80 1.96
C HIS A 224 -45.62 6.71 1.81
N VAL A 225 -45.16 6.39 0.60
CA VAL A 225 -43.75 6.09 0.38
C VAL A 225 -42.95 7.30 -0.13
N ILE A 226 -42.07 7.80 0.73
CA ILE A 226 -41.14 8.86 0.37
C ILE A 226 -39.88 8.25 -0.24
N VAL A 227 -39.35 8.89 -1.29
CA VAL A 227 -38.07 8.51 -1.86
C VAL A 227 -37.16 9.73 -1.93
N ALA A 228 -35.87 9.51 -1.67
CA ALA A 228 -34.88 10.58 -1.69
C ALA A 228 -33.50 10.04 -2.03
N MET A 229 -32.89 10.57 -3.08
CA MET A 229 -31.61 10.06 -3.55
C MET A 229 -30.43 10.83 -2.98
N ALA A 230 -29.28 10.15 -2.91
CA ALA A 230 -28.03 10.77 -2.47
C ALA A 230 -27.46 11.66 -3.58
N PRO A 231 -26.48 12.51 -3.23
CA PRO A 231 -25.84 13.38 -4.23
C PRO A 231 -25.24 12.62 -5.41
N SER A 232 -24.57 11.51 -5.15
CA SER A 232 -23.78 10.82 -6.17
C SER A 232 -24.62 10.07 -7.21
N VAL A 233 -25.87 9.77 -6.85
CA VAL A 233 -26.75 9.00 -7.73
C VAL A 233 -27.04 9.73 -9.04
N ARG A 234 -27.25 11.03 -8.97
CA ARG A 234 -27.62 11.82 -10.15
C ARG A 234 -26.43 12.02 -11.08
N ALA A 235 -25.24 11.65 -10.61
CA ALA A 235 -24.01 11.79 -11.40
C ALA A 235 -23.53 10.45 -11.95
N SER A 236 -24.21 9.36 -11.59
CA SER A 236 -23.71 8.01 -11.84
C SER A 236 -24.67 7.09 -12.60
N ILE A 237 -25.93 7.04 -12.16
CA ILE A 237 -26.86 6.00 -12.62
C ILE A 237 -26.99 5.95 -14.14
N GLY A 238 -26.74 7.08 -14.81
CA GLY A 238 -26.86 7.15 -16.25
C GLY A 238 -25.96 6.17 -16.98
N GLU A 239 -24.90 5.73 -16.32
CA GLU A 239 -23.93 4.82 -16.92
C GLU A 239 -24.59 3.47 -17.27
N LEU A 240 -25.55 3.05 -16.46
CA LEU A 240 -26.21 1.76 -16.65
C LEU A 240 -27.36 1.84 -17.66
N PHE A 241 -27.44 2.95 -18.38
CA PHE A 241 -28.45 3.14 -19.42
C PHE A 241 -27.78 3.60 -20.71
N ASN A 242 -26.50 3.27 -20.84
CA ASN A 242 -25.72 3.54 -22.05
C ASN A 242 -25.70 5.03 -22.41
N MET A 243 -25.60 5.88 -21.39
CA MET A 243 -25.57 7.32 -21.59
C MET A 243 -24.17 7.90 -21.45
N GLY A 244 -23.20 7.04 -21.18
CA GLY A 244 -21.82 7.47 -21.02
C GLY A 244 -21.47 7.80 -19.58
N PHE A 245 -20.42 8.60 -19.39
CA PHE A 245 -19.93 8.95 -18.07
C PHE A 245 -20.09 10.45 -17.78
N GLY A 246 -20.41 10.77 -16.54
CA GLY A 246 -20.47 12.15 -16.09
C GLY A 246 -21.66 12.92 -16.61
N VAL A 247 -22.79 12.23 -16.79
CA VAL A 247 -24.01 12.86 -17.28
C VAL A 247 -24.96 13.20 -16.14
N ASP A 248 -25.29 14.49 -16.01
CA ASP A 248 -26.25 14.93 -15.01
C ASP A 248 -27.65 14.49 -15.42
N VAL A 249 -28.16 13.47 -14.73
CA VAL A 249 -29.46 12.89 -15.06
C VAL A 249 -30.47 13.15 -13.95
N THR A 250 -30.24 14.22 -13.19
CA THR A 250 -31.08 14.58 -12.05
C THR A 250 -32.57 14.60 -12.39
N GLY A 251 -32.92 15.41 -13.38
CA GLY A 251 -34.32 15.59 -13.76
C GLY A 251 -34.98 14.30 -14.24
N LYS A 252 -34.19 13.42 -14.84
CA LYS A 252 -34.70 12.15 -15.33
C LYS A 252 -35.05 11.20 -14.18
N ILE A 253 -34.29 11.28 -13.10
CA ILE A 253 -34.51 10.42 -11.94
C ILE A 253 -35.83 10.78 -11.25
N TYR A 254 -36.09 12.06 -11.09
CA TYR A 254 -37.34 12.52 -10.48
C TYR A 254 -38.53 11.98 -11.25
N THR A 255 -38.45 12.01 -12.58
CA THR A 255 -39.52 11.53 -13.42
C THR A 255 -39.69 10.02 -13.28
N ALA A 256 -38.58 9.30 -13.31
CA ALA A 256 -38.60 7.84 -13.21
C ALA A 256 -39.15 7.38 -11.86
N LEU A 257 -38.80 8.11 -10.81
CA LEU A 257 -39.26 7.77 -9.47
C LEU A 257 -40.76 7.94 -9.34
N ARG A 258 -41.33 8.89 -10.09
CA ARG A 258 -42.77 9.11 -10.06
C ARG A 258 -43.49 8.00 -10.82
N GLN A 259 -42.93 7.57 -11.94
CA GLN A 259 -43.52 6.50 -12.73
C GLN A 259 -43.40 5.16 -12.00
N LEU A 260 -42.45 5.07 -11.07
CA LEU A 260 -42.27 3.85 -10.29
C LEU A 260 -43.33 3.74 -9.19
N GLY A 261 -44.03 4.84 -8.93
CA GLY A 261 -45.18 4.83 -8.02
C GLY A 261 -44.92 5.46 -6.67
N PHE A 262 -43.75 6.07 -6.50
CA PHE A 262 -43.44 6.72 -5.22
C PHE A 262 -44.35 7.91 -4.99
N ASP A 263 -44.80 8.06 -3.74
CA ASP A 263 -45.81 9.04 -3.39
C ASP A 263 -45.25 10.45 -3.19
N LYS A 264 -43.97 10.54 -2.85
CA LYS A 264 -43.33 11.85 -2.65
C LYS A 264 -41.86 11.80 -3.07
N ILE A 265 -41.45 12.83 -3.81
CA ILE A 265 -40.09 12.93 -4.32
C ILE A 265 -39.32 14.03 -3.60
N PHE A 266 -38.43 13.61 -2.69
CA PHE A 266 -37.57 14.54 -1.96
C PHE A 266 -36.11 14.27 -2.33
N ASP A 267 -35.17 14.78 -1.53
CA ASP A 267 -33.76 14.66 -1.85
C ASP A 267 -32.89 14.66 -0.59
N ILE A 268 -31.88 13.80 -0.57
CA ILE A 268 -30.99 13.70 0.58
C ILE A 268 -30.11 14.93 0.70
N ASN A 269 -29.88 15.62 -0.42
CA ASN A 269 -29.11 16.87 -0.40
C ASN A 269 -29.75 17.87 0.53
N PHE A 270 -31.08 17.81 0.66
CA PHE A 270 -31.80 18.61 1.62
C PHE A 270 -31.37 18.21 3.02
N GLY A 271 -31.17 16.91 3.23
CA GLY A 271 -30.72 16.39 4.50
C GLY A 271 -29.26 16.72 4.75
N ALA A 272 -28.51 16.92 3.67
CA ALA A 272 -27.11 17.29 3.79
C ALA A 272 -26.99 18.72 4.30
N ASP A 273 -27.90 19.58 3.87
CA ASP A 273 -27.94 20.95 4.36
C ASP A 273 -28.27 20.96 5.85
N MET A 274 -29.09 19.99 6.28
CA MET A 274 -29.44 19.85 7.69
C MET A 274 -28.22 19.48 8.53
N THR A 275 -27.48 18.47 8.06
CA THR A 275 -26.29 18.01 8.75
C THR A 275 -25.31 19.17 8.97
N ILE A 276 -25.15 19.98 7.95
CA ILE A 276 -24.29 21.15 8.03
C ILE A 276 -24.80 22.15 9.06
N MET A 277 -26.11 22.41 9.05
CA MET A 277 -26.71 23.32 10.01
C MET A 277 -26.34 22.93 11.44
N GLU A 278 -26.42 21.63 11.73
CA GLU A 278 -26.15 21.13 13.07
C GLU A 278 -24.65 21.04 13.34
N GLU A 279 -23.88 20.58 12.35
CA GLU A 279 -22.46 20.34 12.53
C GLU A 279 -21.66 21.64 12.52
N ALA A 280 -22.02 22.56 11.63
CA ALA A 280 -21.35 23.85 11.58
C ALA A 280 -21.60 24.61 12.87
N THR A 281 -22.81 24.47 13.42
CA THR A 281 -23.15 25.05 14.70
C THR A 281 -22.28 24.42 15.78
N GLU A 282 -22.13 23.11 15.71
CA GLU A 282 -21.35 22.37 16.71
C GLU A 282 -19.87 22.76 16.67
N LEU A 283 -19.37 23.07 15.48
CA LEU A 283 -17.98 23.48 15.35
C LEU A 283 -17.74 24.80 16.07
N VAL A 284 -18.66 25.74 15.88
CA VAL A 284 -18.56 27.04 16.55
C VAL A 284 -18.68 26.87 18.06
N GLN A 285 -19.50 25.92 18.49
CA GLN A 285 -19.66 25.61 19.91
C GLN A 285 -18.35 25.13 20.51
N ARG A 286 -17.68 24.21 19.84
CA ARG A 286 -16.44 23.63 20.33
C ARG A 286 -15.30 24.65 20.31
N ILE A 287 -15.42 25.66 19.46
CA ILE A 287 -14.43 26.72 19.40
C ILE A 287 -14.50 27.56 20.67
N GLU A 288 -15.70 28.06 20.99
CA GLU A 288 -15.90 28.91 22.15
C GLU A 288 -15.71 28.15 23.45
N ASN A 289 -15.95 26.84 23.41
CA ASN A 289 -15.78 25.99 24.58
C ASN A 289 -14.39 25.34 24.60
N ASN A 290 -13.62 25.60 23.54
CA ASN A 290 -12.30 24.99 23.37
C ASN A 290 -12.34 23.47 23.51
N GLY A 291 -12.83 22.81 22.47
CA GLY A 291 -12.79 21.36 22.39
C GLY A 291 -14.16 20.70 22.58
N PRO A 292 -14.19 19.37 22.50
CA PRO A 292 -13.00 18.54 22.28
C PRO A 292 -12.50 18.59 20.84
N PHE A 293 -11.22 18.94 20.68
CA PHE A 293 -10.58 18.92 19.36
C PHE A 293 -9.74 17.67 19.20
N PRO A 294 -9.66 17.12 17.97
CA PRO A 294 -10.35 17.58 16.76
C PRO A 294 -11.79 17.07 16.72
N MET A 295 -12.64 17.70 15.91
CA MET A 295 -13.95 17.14 15.64
C MET A 295 -13.90 16.37 14.33
N PHE A 296 -14.40 15.14 14.37
CA PHE A 296 -14.48 14.30 13.18
C PHE A 296 -15.90 14.30 12.63
N THR A 297 -16.02 14.27 11.30
CA THR A 297 -17.33 14.10 10.68
C THR A 297 -17.87 12.71 11.05
N SER A 298 -19.18 12.52 10.90
CA SER A 298 -19.81 11.26 11.27
C SER A 298 -20.89 10.84 10.27
N CYS A 299 -20.78 11.35 9.04
CA CYS A 299 -21.78 11.06 8.01
C CYS A 299 -21.45 9.79 7.23
N CYS A 300 -20.23 9.30 7.36
CA CYS A 300 -19.80 8.07 6.68
C CYS A 300 -19.85 6.85 7.60
N PRO A 301 -20.85 5.97 7.44
CA PRO A 301 -20.95 4.80 8.32
C PRO A 301 -19.80 3.81 8.16
N GLY A 302 -19.05 3.91 7.07
CA GLY A 302 -17.85 3.11 6.89
C GLY A 302 -16.78 3.55 7.86
N TRP A 303 -16.62 4.86 7.99
CA TRP A 303 -15.64 5.44 8.89
C TRP A 303 -16.07 5.25 10.35
N VAL A 304 -17.37 5.32 10.61
CA VAL A 304 -17.89 5.09 11.94
C VAL A 304 -17.50 3.70 12.42
N ARG A 305 -17.74 2.69 11.58
CA ARG A 305 -17.38 1.33 11.91
C ARG A 305 -15.87 1.19 12.10
N GLN A 306 -15.11 1.93 11.30
CA GLN A 306 -13.66 1.91 11.42
C GLN A 306 -13.23 2.45 12.77
N ALA A 307 -13.85 3.55 13.19
CA ALA A 307 -13.55 4.15 14.49
C ALA A 307 -13.95 3.21 15.63
N GLU A 308 -15.17 2.70 15.56
CA GLU A 308 -15.68 1.78 16.57
C GLU A 308 -14.77 0.56 16.72
N ASN A 309 -14.25 0.06 15.60
CA ASN A 309 -13.49 -1.18 15.60
C ASN A 309 -11.99 -1.02 15.85
N TYR A 310 -11.47 0.18 15.57
CA TYR A 310 -10.02 0.40 15.64
C TYR A 310 -9.60 1.59 16.51
N TYR A 311 -10.48 2.58 16.65
CA TYR A 311 -10.15 3.79 17.40
C TYR A 311 -11.32 4.26 18.25
N PRO A 312 -11.70 3.46 19.26
CA PRO A 312 -12.85 3.78 20.10
C PRO A 312 -12.66 5.04 20.94
N GLU A 313 -11.41 5.45 21.14
CA GLU A 313 -11.11 6.63 21.93
C GLU A 313 -11.46 7.92 21.20
N LEU A 314 -11.79 7.80 19.91
CA LEU A 314 -12.15 8.96 19.10
C LEU A 314 -13.66 9.11 18.94
N LEU A 315 -14.42 8.16 19.47
CA LEU A 315 -15.87 8.14 19.29
C LEU A 315 -16.54 9.38 19.89
N ASN A 316 -16.02 9.87 21.01
CA ASN A 316 -16.58 11.05 21.64
C ASN A 316 -16.25 12.32 20.85
N ASN A 317 -15.24 12.22 19.99
CA ASN A 317 -14.81 13.36 19.18
C ASN A 317 -15.63 13.50 17.90
N LEU A 318 -16.40 12.47 17.57
CA LEU A 318 -17.28 12.52 16.41
C LEU A 318 -18.40 13.54 16.61
N SER A 319 -18.78 14.21 15.53
CA SER A 319 -19.89 15.15 15.57
C SER A 319 -21.19 14.42 15.92
N SER A 320 -21.97 15.02 16.80
CA SER A 320 -23.23 14.42 17.23
C SER A 320 -24.31 14.52 16.15
N ALA A 321 -24.07 15.36 15.16
CA ALA A 321 -25.02 15.53 14.07
C ALA A 321 -25.19 14.22 13.30
N LYS A 322 -26.44 13.86 13.03
CA LYS A 322 -26.74 12.66 12.25
C LYS A 322 -26.30 12.83 10.81
N SER A 323 -26.15 11.71 10.10
CA SER A 323 -25.82 11.74 8.68
C SER A 323 -26.99 12.32 7.90
N PRO A 324 -26.72 12.81 6.68
CA PRO A 324 -27.77 13.36 5.83
C PRO A 324 -28.95 12.41 5.64
N GLN A 325 -28.66 11.11 5.53
CA GLN A 325 -29.70 10.11 5.36
C GLN A 325 -30.54 10.01 6.63
N GLN A 326 -29.88 9.85 7.77
CA GLN A 326 -30.57 9.61 9.02
C GLN A 326 -31.26 10.87 9.54
N ILE A 327 -30.64 12.02 9.31
CA ILE A 327 -31.20 13.28 9.78
C ILE A 327 -32.44 13.62 8.95
N PHE A 328 -32.39 13.28 7.67
CA PHE A 328 -33.52 13.44 6.77
C PHE A 328 -34.67 12.56 7.23
N GLY A 329 -34.36 11.29 7.47
CA GLY A 329 -35.37 10.32 7.89
C GLY A 329 -36.07 10.73 9.17
N THR A 330 -35.30 11.25 10.12
CA THR A 330 -35.87 11.70 11.39
C THR A 330 -36.94 12.77 11.15
N ALA A 331 -36.67 13.66 10.21
CA ALA A 331 -37.58 14.75 9.89
C ALA A 331 -38.77 14.24 9.09
N SER A 332 -38.56 13.20 8.30
CA SER A 332 -39.63 12.63 7.48
C SER A 332 -40.74 12.03 8.33
N LYS A 333 -40.41 11.65 9.57
CA LYS A 333 -41.38 11.02 10.48
C LYS A 333 -41.92 11.99 11.52
N THR A 334 -41.40 13.22 11.53
CA THR A 334 -41.80 14.22 12.52
C THR A 334 -42.28 15.51 11.86
N TYR A 335 -41.38 16.18 11.15
CA TYR A 335 -41.69 17.45 10.52
C TYR A 335 -42.66 17.28 9.34
N TYR A 336 -42.43 16.25 8.53
CA TYR A 336 -43.20 16.08 7.30
C TYR A 336 -44.69 15.83 7.57
N PRO A 337 -45.02 14.98 8.56
CA PRO A 337 -46.44 14.83 8.91
C PRO A 337 -47.07 16.12 9.41
N SER A 338 -46.28 17.00 10.02
CA SER A 338 -46.82 18.24 10.60
C SER A 338 -47.25 19.23 9.51
N ILE A 339 -46.74 19.04 8.30
CA ILE A 339 -47.06 19.92 7.18
C ILE A 339 -47.80 19.18 6.06
N SER A 340 -48.27 17.98 6.33
CA SER A 340 -48.96 17.17 5.33
C SER A 340 -50.23 16.51 5.87
N GLY A 341 -50.25 16.26 7.18
CA GLY A 341 -51.42 15.66 7.81
C GLY A 341 -51.38 14.14 7.83
N LEU A 342 -50.35 13.57 7.20
CA LEU A 342 -50.19 12.12 7.16
C LEU A 342 -49.95 11.55 8.55
N ASP A 343 -50.44 10.33 8.78
CA ASP A 343 -50.16 9.63 10.03
C ASP A 343 -48.72 9.13 9.98
N PRO A 344 -47.89 9.52 10.96
CA PRO A 344 -46.46 9.14 10.93
C PRO A 344 -46.22 7.64 10.75
N LYS A 345 -47.10 6.80 11.28
CA LYS A 345 -46.94 5.34 11.18
C LYS A 345 -47.01 4.88 9.73
N ASN A 346 -47.70 5.66 8.90
CA ASN A 346 -47.94 5.30 7.51
C ASN A 346 -46.86 5.81 6.56
N VAL A 347 -45.99 6.68 7.08
CA VAL A 347 -44.87 7.18 6.28
C VAL A 347 -43.81 6.09 6.14
N PHE A 348 -43.39 5.84 4.90
CA PHE A 348 -42.37 4.85 4.62
C PHE A 348 -41.24 5.53 3.83
N THR A 349 -40.12 5.77 4.51
CA THR A 349 -39.02 6.53 3.92
C THR A 349 -37.99 5.61 3.27
N VAL A 350 -37.75 5.83 1.98
CA VAL A 350 -36.76 5.07 1.22
C VAL A 350 -35.69 6.01 0.70
N THR A 351 -34.44 5.59 0.75
CA THR A 351 -33.34 6.38 0.20
C THR A 351 -32.62 5.63 -0.91
N VAL A 352 -32.06 6.37 -1.85
CA VAL A 352 -31.21 5.81 -2.89
C VAL A 352 -29.76 6.23 -2.61
N MET A 353 -28.88 5.25 -2.50
CA MET A 353 -27.50 5.50 -2.06
C MET A 353 -26.47 4.87 -3.00
N PRO A 354 -25.26 5.44 -3.03
CA PRO A 354 -24.13 4.82 -3.74
C PRO A 354 -23.39 3.85 -2.83
N CYS A 355 -24.03 3.49 -1.73
CA CYS A 355 -23.35 2.90 -0.58
C CYS A 355 -24.04 1.65 -0.06
N THR A 356 -23.24 0.65 0.30
CA THR A 356 -23.76 -0.55 0.94
C THR A 356 -23.75 -0.41 2.46
N SER A 357 -22.88 0.46 2.96
CA SER A 357 -22.75 0.68 4.40
C SER A 357 -23.96 1.43 4.94
N LYS A 358 -24.63 2.20 4.09
CA LYS A 358 -25.80 2.97 4.49
C LYS A 358 -26.96 2.08 4.89
N LYS A 359 -26.97 0.85 4.39
CA LYS A 359 -27.98 -0.12 4.79
C LYS A 359 -27.82 -0.48 6.26
N PHE A 360 -26.58 -0.70 6.67
CA PHE A 360 -26.29 -1.07 8.05
C PHE A 360 -26.61 0.08 9.00
N GLU A 361 -26.38 1.31 8.55
CA GLU A 361 -26.64 2.49 9.36
C GLU A 361 -28.14 2.67 9.58
N ALA A 362 -28.92 2.39 8.55
CA ALA A 362 -30.36 2.60 8.60
C ALA A 362 -31.03 1.58 9.51
N ASP A 363 -30.40 0.42 9.67
CA ASP A 363 -30.96 -0.66 10.48
C ASP A 363 -30.35 -0.69 11.88
N ARG A 364 -29.64 0.37 12.26
CA ARG A 364 -29.14 0.49 13.63
C ARG A 364 -30.33 0.59 14.57
N PRO A 365 -30.37 -0.25 15.63
CA PRO A 365 -31.54 -0.30 16.53
C PRO A 365 -31.99 1.04 17.07
N GLN A 366 -31.04 1.87 17.51
CA GLN A 366 -31.38 3.15 18.12
C GLN A 366 -31.69 4.25 17.11
N MET A 367 -31.59 3.94 15.82
CA MET A 367 -31.91 4.92 14.78
C MET A 367 -33.42 4.99 14.54
N GLU A 368 -34.17 5.25 15.61
CA GLU A 368 -35.62 5.39 15.53
C GLU A 368 -36.13 6.27 16.67
N LYS A 369 -37.44 6.52 16.68
CA LYS A 369 -38.08 7.35 17.68
C LYS A 369 -39.56 7.01 17.76
N ASP A 370 -40.00 6.63 18.96
CA ASP A 370 -41.40 6.28 19.19
C ASP A 370 -41.83 5.14 18.26
N GLY A 371 -40.94 4.16 18.09
CA GLY A 371 -41.24 2.98 17.29
C GLY A 371 -41.15 3.20 15.79
N LEU A 372 -40.82 4.42 15.37
CA LEU A 372 -40.76 4.77 13.95
C LEU A 372 -39.32 4.94 13.48
N ARG A 373 -38.93 4.10 12.53
CA ARG A 373 -37.58 4.15 11.99
C ARG A 373 -37.32 5.49 11.30
N ASP A 374 -36.08 5.98 11.42
CA ASP A 374 -35.66 7.13 10.63
C ASP A 374 -35.78 6.78 9.16
N ILE A 375 -35.16 5.66 8.80
CA ILE A 375 -35.14 5.15 7.42
C ILE A 375 -35.64 3.71 7.40
N ASP A 376 -36.61 3.44 6.53
CA ASP A 376 -37.24 2.12 6.46
C ASP A 376 -36.60 1.23 5.43
N ALA A 377 -36.02 1.82 4.39
CA ALA A 377 -35.38 1.06 3.32
C ALA A 377 -34.29 1.86 2.62
N VAL A 378 -33.23 1.17 2.23
CA VAL A 378 -32.14 1.75 1.46
C VAL A 378 -31.83 0.86 0.26
N ILE A 379 -31.92 1.44 -0.93
CA ILE A 379 -31.57 0.72 -2.16
C ILE A 379 -30.40 1.42 -2.83
N THR A 380 -29.51 0.64 -3.41
CA THR A 380 -28.31 1.19 -4.04
C THR A 380 -28.61 1.83 -5.39
N THR A 381 -27.59 2.44 -5.99
CA THR A 381 -27.71 2.97 -7.33
C THR A 381 -28.06 1.82 -8.29
N ARG A 382 -27.40 0.69 -8.09
CA ARG A 382 -27.63 -0.47 -8.93
C ARG A 382 -29.06 -0.99 -8.79
N GLU A 383 -29.57 -1.00 -7.55
CA GLU A 383 -30.90 -1.52 -7.27
C GLU A 383 -31.99 -0.68 -7.92
N LEU A 384 -31.79 0.64 -7.92
CA LEU A 384 -32.76 1.56 -8.52
C LEU A 384 -32.78 1.37 -10.04
N ALA A 385 -31.61 1.19 -10.63
CA ALA A 385 -31.51 1.02 -12.07
C ALA A 385 -32.25 -0.24 -12.52
N LYS A 386 -32.13 -1.31 -11.73
CA LYS A 386 -32.80 -2.56 -12.06
C LYS A 386 -34.30 -2.41 -11.92
N MET A 387 -34.72 -1.61 -10.94
CA MET A 387 -36.14 -1.36 -10.69
C MET A 387 -36.77 -0.64 -11.88
N ILE A 388 -36.02 0.30 -12.45
CA ILE A 388 -36.47 1.08 -13.59
C ILE A 388 -36.62 0.21 -14.82
N LYS A 389 -35.62 -0.63 -15.08
CA LYS A 389 -35.62 -1.48 -16.26
C LYS A 389 -36.72 -2.54 -16.19
N ASP A 390 -36.98 -3.04 -14.99
CA ASP A 390 -38.03 -4.05 -14.79
C ASP A 390 -39.40 -3.47 -15.09
N ALA A 391 -39.58 -2.18 -14.79
CA ALA A 391 -40.83 -1.49 -15.07
C ALA A 391 -40.87 -1.01 -16.51
N LYS A 392 -39.77 -1.23 -17.23
CA LYS A 392 -39.66 -0.86 -18.65
C LYS A 392 -39.88 0.63 -18.85
N ILE A 393 -39.18 1.43 -18.05
CA ILE A 393 -39.24 2.88 -18.16
C ILE A 393 -38.07 3.38 -19.03
N PRO A 394 -38.38 4.00 -20.18
CA PRO A 394 -37.30 4.50 -21.06
C PRO A 394 -36.56 5.67 -20.44
N PHE A 395 -35.67 5.38 -19.49
CA PHE A 395 -34.97 6.41 -18.72
C PHE A 395 -34.30 7.45 -19.61
N ALA A 396 -33.56 7.00 -20.62
CA ALA A 396 -32.80 7.90 -21.48
C ALA A 396 -33.71 8.88 -22.23
N LYS A 397 -34.96 8.48 -22.45
CA LYS A 397 -35.91 9.31 -23.20
C LYS A 397 -36.75 10.21 -22.31
N LEU A 398 -36.70 9.98 -21.00
CA LEU A 398 -37.56 10.71 -20.06
C LEU A 398 -37.34 12.22 -20.10
N GLU A 399 -38.42 12.96 -19.83
CA GLU A 399 -38.35 14.41 -19.70
C GLU A 399 -38.00 14.80 -18.27
N ASP A 400 -37.40 15.98 -18.11
CA ASP A 400 -37.01 16.45 -16.78
C ASP A 400 -38.23 16.91 -15.99
N SER A 401 -38.24 16.56 -14.69
CA SER A 401 -39.22 17.08 -13.74
C SER A 401 -38.48 17.51 -12.48
N GLU A 402 -39.20 18.14 -11.56
CA GLU A 402 -38.59 18.63 -10.31
C GLU A 402 -39.05 17.79 -9.13
N ALA A 403 -38.31 17.91 -8.03
CA ALA A 403 -38.70 17.25 -6.78
C ALA A 403 -39.65 18.15 -6.01
N ASP A 404 -40.33 17.56 -5.02
CA ASP A 404 -41.21 18.33 -4.15
C ASP A 404 -40.35 19.16 -3.21
N PRO A 405 -40.60 20.49 -3.14
CA PRO A 405 -39.67 21.43 -2.49
C PRO A 405 -39.58 21.34 -0.97
N ALA A 406 -40.63 20.87 -0.30
CA ALA A 406 -40.69 20.88 1.17
C ALA A 406 -39.44 20.31 1.82
N MET A 407 -38.95 19.20 1.28
CA MET A 407 -37.71 18.60 1.74
C MET A 407 -36.89 18.13 0.54
N GLY A 408 -36.90 18.94 -0.52
CA GLY A 408 -36.26 18.59 -1.77
C GLY A 408 -35.29 19.63 -2.30
N GLU A 409 -35.49 20.88 -1.88
CA GLU A 409 -34.56 21.96 -2.25
C GLU A 409 -33.21 21.69 -1.61
N TYR A 410 -32.13 22.05 -2.31
CA TYR A 410 -30.79 21.95 -1.73
C TYR A 410 -29.83 23.00 -2.30
N SER A 411 -28.95 23.50 -1.44
CA SER A 411 -27.93 24.45 -1.83
C SER A 411 -26.76 23.74 -2.48
N GLY A 412 -25.85 24.50 -3.07
CA GLY A 412 -24.68 23.94 -3.72
C GLY A 412 -23.74 23.31 -2.72
N ALA A 413 -23.83 23.75 -1.46
CA ALA A 413 -23.00 23.19 -0.40
C ALA A 413 -23.37 21.74 -0.15
N GLY A 414 -24.66 21.46 -0.12
CA GLY A 414 -25.15 20.10 0.10
C GLY A 414 -24.95 19.25 -1.14
N ALA A 415 -24.82 19.89 -2.30
CA ALA A 415 -24.73 19.17 -3.56
C ALA A 415 -23.39 18.47 -3.75
N ILE A 416 -22.35 18.96 -3.08
CA ILE A 416 -21.00 18.46 -3.30
C ILE A 416 -20.60 17.43 -2.24
N PHE A 417 -21.54 17.03 -1.40
CA PHE A 417 -21.29 16.07 -0.33
C PHE A 417 -20.68 14.76 -0.86
N GLY A 418 -21.03 14.40 -2.09
CA GLY A 418 -20.63 13.12 -2.66
C GLY A 418 -19.17 13.03 -3.07
N ALA A 419 -18.42 14.12 -2.89
CA ALA A 419 -17.00 14.17 -3.25
C ALA A 419 -16.12 14.39 -2.04
N THR A 420 -14.94 13.76 -2.04
CA THR A 420 -13.98 13.93 -0.95
C THR A 420 -13.64 15.41 -0.74
N GLY A 421 -13.80 15.86 0.51
CA GLY A 421 -13.61 17.27 0.85
C GLY A 421 -14.89 18.06 0.72
N GLY A 422 -15.95 17.43 0.25
CA GLY A 422 -17.23 18.08 0.05
C GLY A 422 -17.86 18.56 1.34
N VAL A 423 -17.98 17.66 2.31
CA VAL A 423 -18.56 17.99 3.60
C VAL A 423 -17.71 19.06 4.29
N MET A 424 -16.40 18.93 4.19
CA MET A 424 -15.47 19.88 4.79
C MET A 424 -15.74 21.29 4.27
N GLU A 425 -15.75 21.43 2.96
CA GLU A 425 -15.95 22.73 2.33
C GLU A 425 -17.33 23.28 2.66
N ALA A 426 -18.35 22.44 2.53
CA ALA A 426 -19.73 22.83 2.81
C ALA A 426 -19.88 23.32 4.24
N ALA A 427 -19.20 22.66 5.17
CA ALA A 427 -19.28 23.00 6.58
C ALA A 427 -18.61 24.33 6.87
N LEU A 428 -17.49 24.59 6.19
CA LEU A 428 -16.74 25.81 6.39
C LEU A 428 -17.49 27.03 5.84
N ARG A 429 -18.32 26.81 4.83
CA ARG A 429 -19.12 27.89 4.26
C ARG A 429 -20.11 28.44 5.29
N SER A 430 -20.64 27.55 6.13
CA SER A 430 -21.62 27.93 7.14
C SER A 430 -20.97 28.30 8.46
N ALA A 431 -19.94 27.56 8.83
CA ALA A 431 -19.26 27.77 10.11
C ALA A 431 -18.59 29.13 10.16
N LYS A 432 -18.09 29.59 9.01
CA LYS A 432 -17.41 30.87 8.93
C LYS A 432 -18.41 32.02 9.06
N ASP A 433 -19.56 31.88 8.42
CA ASP A 433 -20.63 32.87 8.52
C ASP A 433 -21.20 32.91 9.93
N PHE A 434 -21.35 31.74 10.53
CA PHE A 434 -21.91 31.63 11.88
C PHE A 434 -21.04 32.34 12.92
N ALA A 435 -19.73 32.09 12.86
CA ALA A 435 -18.82 32.61 13.88
C ALA A 435 -18.61 34.12 13.72
N GLU A 436 -18.43 34.56 12.49
CA GLU A 436 -18.13 35.97 12.20
C GLU A 436 -19.42 36.79 12.03
N ASN A 437 -20.56 36.12 12.12
CA ASN A 437 -21.86 36.77 11.98
C ASN A 437 -21.92 37.66 10.73
N ALA A 438 -21.80 37.04 9.57
CA ALA A 438 -21.78 37.77 8.31
C ALA A 438 -22.21 36.89 7.14
N GLU A 439 -22.05 37.42 5.93
CA GLU A 439 -22.39 36.70 4.71
C GLU A 439 -21.25 36.83 3.70
N LEU A 440 -20.22 36.02 3.88
CA LEU A 440 -19.00 36.15 3.09
C LEU A 440 -19.22 35.84 1.61
N GLU A 441 -18.28 36.31 0.80
CA GLU A 441 -18.41 36.27 -0.65
C GLU A 441 -17.64 35.10 -1.25
N ASP A 442 -16.38 34.95 -0.87
CA ASP A 442 -15.57 33.82 -1.33
C ASP A 442 -15.84 32.60 -0.46
N ILE A 443 -16.34 31.54 -1.08
CA ILE A 443 -16.80 30.35 -0.38
C ILE A 443 -16.15 29.07 -0.92
N GLU A 444 -15.27 29.22 -1.90
CA GLU A 444 -14.63 28.07 -2.53
C GLU A 444 -13.31 27.70 -1.86
N TYR A 445 -13.28 26.50 -1.29
CA TYR A 445 -12.08 25.97 -0.65
C TYR A 445 -11.49 24.85 -1.49
N LYS A 446 -10.77 25.20 -2.54
CA LYS A 446 -10.26 24.21 -3.48
C LYS A 446 -9.09 23.40 -2.90
N GLN A 447 -8.53 23.88 -1.80
CA GLN A 447 -7.38 23.19 -1.19
C GLN A 447 -7.77 21.84 -0.59
N VAL A 448 -9.04 21.68 -0.23
CA VAL A 448 -9.53 20.45 0.37
C VAL A 448 -10.09 19.49 -0.67
N ARG A 449 -10.05 19.90 -1.95
CA ARG A 449 -10.56 19.08 -3.03
C ARG A 449 -9.45 18.21 -3.65
N GLY A 450 -9.86 17.28 -4.50
CA GLY A 450 -8.92 16.44 -5.23
C GLY A 450 -8.77 15.05 -4.65
N LEU A 451 -8.02 14.20 -5.34
CA LEU A 451 -7.93 12.79 -5.00
C LEU A 451 -6.71 12.44 -4.14
N ASN A 452 -6.04 13.45 -3.60
CA ASN A 452 -4.93 13.19 -2.67
C ASN A 452 -5.44 12.44 -1.44
N GLY A 453 -4.66 11.46 -0.99
CA GLY A 453 -5.05 10.62 0.12
C GLY A 453 -5.32 11.41 1.40
N ILE A 454 -4.37 12.25 1.78
CA ILE A 454 -4.51 13.11 2.95
C ILE A 454 -4.35 14.58 2.53
N LYS A 455 -5.34 15.38 2.87
CA LYS A 455 -5.37 16.80 2.51
C LYS A 455 -5.62 17.66 3.74
N GLU A 456 -4.69 18.57 4.02
CA GLU A 456 -4.83 19.48 5.16
C GLU A 456 -4.75 20.92 4.70
N ALA A 457 -5.28 21.82 5.52
CA ALA A 457 -5.30 23.25 5.19
C ALA A 457 -5.45 24.09 6.45
N GLU A 458 -4.94 25.32 6.39
CA GLU A 458 -5.11 26.29 7.46
C GLU A 458 -6.18 27.30 7.06
N VAL A 459 -7.19 27.44 7.90
CA VAL A 459 -8.29 28.37 7.66
C VAL A 459 -8.39 29.38 8.80
N GLU A 460 -8.99 30.54 8.50
CA GLU A 460 -9.16 31.60 9.50
C GLU A 460 -10.63 31.80 9.80
N ILE A 461 -11.02 31.54 11.06
CA ILE A 461 -12.40 31.72 11.49
C ILE A 461 -12.47 32.72 12.64
N ASN A 462 -13.06 33.87 12.38
CA ASN A 462 -13.19 34.94 13.36
C ASN A 462 -11.84 35.39 13.91
N ASN A 463 -10.98 35.84 13.00
CA ASN A 463 -9.68 36.41 13.36
C ASN A 463 -8.80 35.41 14.12
N ASN A 464 -9.06 34.12 13.92
CA ASN A 464 -8.24 33.07 14.50
C ASN A 464 -8.06 31.93 13.50
N LYS A 465 -6.86 31.35 13.48
CA LYS A 465 -6.53 30.32 12.49
C LYS A 465 -6.69 28.91 13.05
N TYR A 466 -7.27 28.04 12.24
CA TYR A 466 -7.54 26.66 12.63
C TYR A 466 -7.02 25.69 11.57
N ASN A 467 -6.73 24.46 12.00
CA ASN A 467 -6.21 23.42 11.12
C ASN A 467 -7.24 22.37 10.83
N VAL A 468 -7.47 22.11 9.54
CA VAL A 468 -8.42 21.10 9.11
C VAL A 468 -7.72 20.04 8.27
N ALA A 469 -8.32 18.85 8.20
CA ALA A 469 -7.79 17.77 7.40
C ALA A 469 -8.92 17.01 6.72
N VAL A 470 -8.65 16.46 5.55
CA VAL A 470 -9.60 15.63 4.83
C VAL A 470 -8.96 14.30 4.51
N ILE A 471 -9.42 13.25 5.19
CA ILE A 471 -8.95 11.90 4.97
C ILE A 471 -9.74 11.25 3.83
N ASN A 472 -9.03 10.86 2.78
CA ASN A 472 -9.66 10.33 1.58
C ASN A 472 -9.39 8.83 1.40
N GLY A 473 -10.23 8.01 2.03
CA GLY A 473 -10.07 6.57 1.96
C GLY A 473 -9.68 5.97 3.31
N ALA A 474 -10.26 4.83 3.64
CA ALA A 474 -10.06 4.20 4.93
C ALA A 474 -8.59 3.84 5.17
N SER A 475 -7.88 3.49 4.10
CA SER A 475 -6.46 3.17 4.21
C SER A 475 -5.64 4.41 4.60
N ASN A 476 -6.11 5.58 4.18
CA ASN A 476 -5.44 6.82 4.50
C ASN A 476 -5.72 7.28 5.94
N LEU A 477 -6.83 6.81 6.50
CA LEU A 477 -7.11 7.06 7.91
C LEU A 477 -6.12 6.29 8.75
N PHE A 478 -5.91 5.03 8.42
CA PHE A 478 -4.93 4.20 9.10
C PHE A 478 -3.53 4.81 8.98
N LYS A 479 -3.19 5.25 7.77
CA LYS A 479 -1.90 5.91 7.54
C LYS A 479 -1.79 7.15 8.40
N PHE A 480 -2.83 7.98 8.40
CA PHE A 480 -2.84 9.23 9.13
C PHE A 480 -2.60 9.04 10.63
N MET A 481 -3.24 8.02 11.19
CA MET A 481 -3.13 7.76 12.62
C MET A 481 -1.83 7.04 12.99
N LYS A 482 -1.52 5.97 12.27
CA LYS A 482 -0.36 5.14 12.59
C LYS A 482 0.96 5.89 12.47
N SER A 483 1.07 6.75 11.47
CA SER A 483 2.30 7.51 11.23
C SER A 483 2.43 8.67 12.23
N GLY A 484 1.38 8.93 12.99
CA GLY A 484 1.42 9.94 14.03
C GLY A 484 1.18 11.35 13.51
N MET A 485 0.53 11.46 12.36
CA MET A 485 0.24 12.78 11.79
C MET A 485 -0.78 13.52 12.63
N ILE A 486 -1.56 12.78 13.42
CA ILE A 486 -2.58 13.38 14.27
C ILE A 486 -1.93 14.28 15.33
N ASN A 487 -0.69 13.98 15.69
CA ASN A 487 -0.01 14.68 16.78
C ASN A 487 0.96 15.77 16.31
N GLU A 488 1.25 15.80 15.02
CA GLU A 488 2.22 16.74 14.48
C GLU A 488 1.76 18.18 14.68
N LYS A 489 0.46 18.41 14.52
CA LYS A 489 -0.14 19.71 14.81
C LYS A 489 -1.52 19.50 15.44
N GLN A 490 -2.11 20.59 15.92
CA GLN A 490 -3.43 20.52 16.53
C GLN A 490 -4.50 20.73 15.46
N TYR A 491 -5.25 19.66 15.17
CA TYR A 491 -6.38 19.74 14.25
C TYR A 491 -7.67 20.03 15.00
N HIS A 492 -8.59 20.73 14.35
CA HIS A 492 -9.84 21.14 15.00
C HIS A 492 -11.05 20.51 14.32
N PHE A 493 -10.92 20.21 13.04
CA PHE A 493 -12.03 19.65 12.27
C PHE A 493 -11.50 18.76 11.15
N ILE A 494 -11.88 17.49 11.18
CA ILE A 494 -11.37 16.49 10.23
C ILE A 494 -12.49 15.74 9.54
N GLU A 495 -12.46 15.72 8.21
CA GLU A 495 -13.36 14.89 7.41
C GLU A 495 -12.75 13.53 7.17
N VAL A 496 -13.57 12.49 7.25
CA VAL A 496 -13.14 11.13 6.94
C VAL A 496 -14.16 10.44 6.02
N MET A 497 -13.66 9.87 4.93
CA MET A 497 -14.48 9.08 4.01
C MET A 497 -13.83 7.71 3.79
N ALA A 498 -14.64 6.66 3.82
CA ALA A 498 -14.16 5.29 3.73
C ALA A 498 -13.69 4.94 2.33
N CYS A 499 -14.45 5.39 1.33
CA CYS A 499 -14.14 5.08 -0.07
C CYS A 499 -13.34 6.22 -0.71
N HIS A 500 -12.21 5.88 -1.31
CA HIS A 500 -11.34 6.87 -1.94
C HIS A 500 -12.05 7.54 -3.11
N GLY A 501 -12.06 8.87 -3.09
CA GLY A 501 -12.77 9.66 -4.09
C GLY A 501 -14.06 10.24 -3.54
N GLY A 502 -14.54 9.66 -2.44
CA GLY A 502 -15.80 10.07 -1.84
C GLY A 502 -16.92 9.13 -2.24
N CYS A 503 -18.14 9.51 -1.88
CA CYS A 503 -19.30 8.63 -2.10
C CYS A 503 -19.55 8.32 -3.57
N VAL A 504 -19.04 9.15 -4.47
CA VAL A 504 -19.15 8.87 -5.90
C VAL A 504 -18.49 7.55 -6.28
N ASN A 505 -17.61 7.07 -5.40
CA ASN A 505 -16.92 5.80 -5.60
C ASN A 505 -17.36 4.77 -4.57
N GLY A 506 -18.59 4.87 -4.10
CA GLY A 506 -19.11 3.98 -3.09
C GLY A 506 -19.34 2.55 -3.56
N GLY A 507 -19.68 1.67 -2.62
CA GLY A 507 -19.82 0.26 -2.90
C GLY A 507 -21.10 -0.13 -3.64
N GLY A 508 -22.09 0.77 -3.63
CA GLY A 508 -23.35 0.51 -4.29
C GLY A 508 -23.43 1.12 -5.68
N GLN A 509 -22.31 1.65 -6.17
CA GLN A 509 -22.29 2.33 -7.46
C GLN A 509 -22.23 1.34 -8.62
N PRO A 510 -22.50 1.83 -9.84
CA PRO A 510 -22.40 0.99 -11.04
C PRO A 510 -20.99 0.45 -11.26
N HIS A 511 -20.89 -0.81 -11.67
CA HIS A 511 -19.59 -1.40 -11.99
C HIS A 511 -19.02 -0.80 -13.27
N VAL A 512 -17.70 -0.70 -13.33
CA VAL A 512 -17.00 -0.25 -14.53
C VAL A 512 -15.90 -1.26 -14.85
N ASN A 513 -15.90 -1.78 -16.07
CA ASN A 513 -14.92 -2.78 -16.44
C ASN A 513 -13.51 -2.19 -16.45
N PRO A 514 -12.49 -3.02 -16.21
CA PRO A 514 -11.09 -2.55 -16.17
C PRO A 514 -10.69 -1.72 -17.38
N LYS A 515 -11.30 -2.00 -18.53
CA LYS A 515 -10.97 -1.31 -19.77
C LYS A 515 -11.28 0.18 -19.68
N ASP A 516 -12.52 0.49 -19.31
CA ASP A 516 -12.96 1.88 -19.22
C ASP A 516 -12.27 2.64 -18.09
N LEU A 517 -11.88 1.92 -17.04
CA LEU A 517 -11.25 2.55 -15.88
C LEU A 517 -9.91 3.22 -16.23
N GLU A 518 -9.17 2.61 -17.15
CA GLU A 518 -7.88 3.17 -17.58
C GLU A 518 -8.09 4.33 -18.54
N LYS A 519 -9.30 4.41 -19.11
CA LYS A 519 -9.65 5.48 -20.04
C LYS A 519 -10.32 6.66 -19.33
N VAL A 520 -11.07 6.35 -18.28
CA VAL A 520 -11.87 7.35 -17.57
C VAL A 520 -11.45 7.48 -16.11
N ASP A 521 -11.29 8.73 -15.66
CA ASP A 521 -11.08 9.01 -14.24
C ASP A 521 -12.45 9.07 -13.57
N ILE A 522 -13.00 7.90 -13.25
CA ILE A 522 -14.38 7.77 -12.79
C ILE A 522 -14.64 8.61 -11.53
N LYS A 523 -13.64 8.76 -10.68
CA LYS A 523 -13.79 9.49 -9.43
C LYS A 523 -13.90 10.99 -9.67
N LYS A 524 -13.19 11.49 -10.67
CA LYS A 524 -13.22 12.90 -11.00
C LYS A 524 -14.40 13.23 -11.92
N VAL A 525 -14.70 12.34 -12.86
CA VAL A 525 -15.77 12.57 -13.81
C VAL A 525 -17.11 12.63 -13.08
N ARG A 526 -17.33 11.72 -12.14
CA ARG A 526 -18.56 11.73 -11.36
C ARG A 526 -18.64 12.95 -10.45
N ALA A 527 -17.52 13.25 -9.78
CA ALA A 527 -17.46 14.38 -8.87
C ALA A 527 -17.70 15.70 -9.59
N SER A 528 -17.27 15.79 -10.84
CA SER A 528 -17.39 17.02 -11.61
C SER A 528 -18.85 17.44 -11.77
N VAL A 529 -19.74 16.47 -11.88
CA VAL A 529 -21.17 16.73 -12.00
C VAL A 529 -21.69 17.47 -10.76
N LEU A 530 -21.17 17.08 -9.60
CA LEU A 530 -21.61 17.66 -8.34
C LEU A 530 -21.13 19.10 -8.20
N TYR A 531 -19.85 19.33 -8.47
CA TYR A 531 -19.28 20.68 -8.37
C TYR A 531 -19.92 21.63 -9.38
N ASN A 532 -20.27 21.11 -10.55
CA ASN A 532 -20.89 21.93 -11.59
C ASN A 532 -22.27 22.41 -11.17
N GLN A 533 -22.97 21.62 -10.36
CA GLN A 533 -24.28 22.02 -9.84
C GLN A 533 -24.09 23.12 -8.80
N ASP A 534 -23.05 22.99 -7.99
CA ASP A 534 -22.76 23.97 -6.96
C ASP A 534 -22.45 25.34 -7.58
N GLU A 535 -21.81 25.34 -8.74
CA GLU A 535 -21.39 26.57 -9.39
C GLU A 535 -22.58 27.32 -9.97
N HIS A 536 -23.62 26.59 -10.38
CA HIS A 536 -24.76 27.18 -11.08
C HIS A 536 -25.98 27.42 -10.19
N LEU A 537 -25.92 26.94 -8.95
CA LEU A 537 -27.04 27.12 -8.03
C LEU A 537 -27.02 28.50 -7.41
N SER A 538 -28.22 29.07 -7.23
CA SER A 538 -28.36 30.39 -6.62
C SER A 538 -27.89 30.38 -5.18
N LYS A 539 -28.32 29.38 -4.43
CA LYS A 539 -27.91 29.20 -3.04
C LYS A 539 -26.73 28.22 -2.96
N ARG A 540 -25.63 28.68 -2.38
CA ARG A 540 -24.41 27.87 -2.25
C ARG A 540 -24.03 27.67 -0.78
N LYS A 541 -24.92 28.08 0.12
CA LYS A 541 -24.73 27.85 1.55
C LYS A 541 -25.93 27.08 2.11
N SER A 542 -25.66 26.14 3.00
CA SER A 542 -26.71 25.28 3.56
C SER A 542 -27.77 26.07 4.31
N HIS A 543 -27.35 27.13 5.00
CA HIS A 543 -28.27 27.91 5.82
C HIS A 543 -29.06 28.93 4.99
N GLU A 544 -28.81 28.97 3.69
CA GLU A 544 -29.57 29.83 2.78
C GLU A 544 -30.68 29.04 2.08
N ASN A 545 -30.76 27.75 2.37
CA ASN A 545 -31.80 26.88 1.84
C ASN A 545 -33.18 27.30 2.38
N THR A 546 -33.95 27.99 1.54
CA THR A 546 -35.23 28.56 1.96
C THR A 546 -36.19 27.53 2.55
N ALA A 547 -36.26 26.35 1.95
CA ALA A 547 -37.12 25.29 2.46
C ALA A 547 -36.67 24.85 3.84
N LEU A 548 -35.35 24.78 4.03
CA LEU A 548 -34.78 24.37 5.31
C LEU A 548 -34.96 25.43 6.38
N VAL A 549 -34.91 26.70 5.96
CA VAL A 549 -35.06 27.81 6.90
C VAL A 549 -36.45 27.82 7.51
N LYS A 550 -37.48 27.65 6.69
CA LYS A 550 -38.84 27.68 7.19
C LYS A 550 -39.14 26.44 8.03
N MET A 551 -38.45 25.34 7.74
CA MET A 551 -38.58 24.13 8.55
C MET A 551 -38.09 24.39 9.97
N TYR A 552 -36.93 25.02 10.08
CA TYR A 552 -36.33 25.32 11.39
C TYR A 552 -37.14 26.39 12.11
N GLN A 553 -37.63 27.37 11.37
CA GLN A 553 -38.39 28.46 11.96
C GLN A 553 -39.74 27.99 12.50
N ASN A 554 -40.40 27.09 11.77
CA ASN A 554 -41.75 26.68 12.09
C ASN A 554 -41.84 25.42 12.95
N TYR A 555 -40.78 24.61 12.99
CA TYR A 555 -40.83 23.34 13.69
C TYR A 555 -39.70 23.15 14.71
N PHE A 556 -38.45 23.08 14.24
CA PHE A 556 -37.34 22.72 15.11
C PHE A 556 -36.91 23.85 16.05
N GLY A 557 -36.64 25.02 15.48
CA GLY A 557 -36.16 26.15 16.25
C GLY A 557 -34.72 26.45 15.89
N LYS A 558 -33.88 26.69 16.89
CA LYS A 558 -32.47 26.98 16.66
C LYS A 558 -31.66 25.69 16.59
N PRO A 559 -30.78 25.56 15.58
CA PRO A 559 -29.96 24.36 15.46
C PRO A 559 -29.00 24.19 16.64
N GLY A 560 -28.73 22.96 17.04
CA GLY A 560 -27.84 22.68 18.13
C GLY A 560 -28.44 22.99 19.49
N GLU A 561 -29.74 23.28 19.51
CA GLU A 561 -30.46 23.60 20.74
C GLU A 561 -31.79 22.88 20.83
N GLY A 562 -32.28 22.72 22.06
CA GLY A 562 -33.62 22.24 22.33
C GLY A 562 -34.05 21.03 21.54
N ARG A 563 -35.08 21.20 20.72
CA ARG A 563 -35.66 20.10 19.95
C ARG A 563 -34.66 19.58 18.92
N ALA A 564 -34.05 20.50 18.18
CA ALA A 564 -33.13 20.12 17.12
C ALA A 564 -32.01 19.23 17.65
N HIS A 565 -31.49 19.59 18.82
CA HIS A 565 -30.42 18.81 19.45
C HIS A 565 -30.95 17.48 19.98
N GLU A 566 -32.23 17.47 20.36
CA GLU A 566 -32.83 16.31 21.00
C GLU A 566 -33.01 15.14 20.05
N ILE A 567 -33.45 15.40 18.82
CA ILE A 567 -33.88 14.33 17.92
C ILE A 567 -33.03 14.20 16.66
N LEU A 568 -32.36 15.28 16.24
CA LEU A 568 -31.57 15.25 15.00
C LEU A 568 -30.11 14.87 15.25
N HIS A 569 -29.79 14.49 16.47
CA HIS A 569 -28.42 14.14 16.84
C HIS A 569 -28.31 12.68 17.28
N PHE A 570 -27.08 12.17 17.26
CA PHE A 570 -26.82 10.78 17.59
C PHE A 570 -25.36 10.62 18.01
N LYS A 571 -25.16 10.18 19.24
CA LYS A 571 -23.81 10.05 19.81
C LYS A 571 -23.35 8.60 19.85
N TYR A 572 -22.10 8.39 19.46
CA TYR A 572 -21.45 7.08 19.57
C TYR A 572 -20.53 7.08 20.78
N LYS A 573 -20.61 6.02 21.59
CA LYS A 573 -19.80 5.91 22.79
C LYS A 573 -19.16 4.52 22.87
N LYS A 574 -17.90 4.49 23.30
CA LYS A 574 -17.18 3.24 23.46
C LYS A 574 -17.82 2.40 24.56
N SER A 575 -17.65 1.09 24.47
CA SER A 575 -18.24 0.18 25.45
C SER A 575 -17.63 0.41 26.83
N ALA A 576 -18.45 0.25 27.86
CA ALA A 576 -17.99 0.41 29.23
C ALA A 576 -17.06 -0.73 29.60
N TRP A 577 -16.21 -0.50 30.60
CA TRP A 577 -15.23 -1.49 31.03
C TRP A 577 -15.91 -2.79 31.49
N SER A 578 -15.31 -3.92 31.12
CA SER A 578 -15.81 -5.22 31.54
C SER A 578 -14.70 -6.26 31.42
N HIS A 579 -14.87 -7.40 32.09
CA HIS A 579 -13.90 -8.48 32.04
C HIS A 579 -14.55 -9.85 32.20
N LYS B 2 -3.40 16.47 -25.18
CA LYS B 2 -3.16 17.75 -24.52
C LYS B 2 -2.05 18.52 -25.22
N THR B 3 -2.20 19.84 -25.28
CA THR B 3 -1.13 20.70 -25.77
C THR B 3 -0.74 21.71 -24.70
N ILE B 4 0.57 21.80 -24.44
CA ILE B 4 1.10 22.52 -23.28
C ILE B 4 2.41 23.24 -23.62
N ILE B 5 2.55 24.45 -23.08
CA ILE B 5 3.84 25.15 -23.10
C ILE B 5 4.46 25.04 -21.72
N ILE B 6 5.75 24.76 -21.66
CA ILE B 6 6.48 24.88 -20.41
C ILE B 6 7.79 25.62 -20.71
N ASN B 7 7.89 26.82 -20.15
CA ASN B 7 9.00 27.74 -20.38
C ASN B 7 9.29 27.94 -21.88
N GLY B 8 8.23 28.07 -22.67
CA GLY B 8 8.36 28.41 -24.08
C GLY B 8 8.57 27.20 -24.99
N VAL B 9 8.09 26.03 -24.56
CA VAL B 9 8.23 24.82 -25.36
C VAL B 9 6.87 24.12 -25.50
N GLN B 10 6.33 24.15 -26.71
CA GLN B 10 5.05 23.52 -27.02
C GLN B 10 5.16 22.02 -26.83
N PHE B 11 4.05 21.37 -26.46
CA PHE B 11 4.08 19.94 -26.16
C PHE B 11 2.85 19.15 -26.58
N ASN B 12 3.10 18.12 -27.38
CA ASN B 12 2.07 17.20 -27.83
C ASN B 12 2.13 15.91 -27.02
N THR B 13 1.17 15.72 -26.11
CA THR B 13 1.16 14.53 -25.26
C THR B 13 -0.25 14.10 -24.90
N ASP B 14 -0.40 12.81 -24.59
CA ASP B 14 -1.67 12.24 -24.14
C ASP B 14 -1.52 11.66 -22.74
N GLU B 15 -0.29 11.63 -22.24
CA GLU B 15 -0.02 11.17 -20.89
C GLU B 15 -0.77 12.01 -19.88
N ASP B 16 -1.28 11.37 -18.83
CA ASP B 16 -2.00 12.07 -17.77
C ASP B 16 -1.27 11.87 -16.44
N THR B 17 -0.17 12.60 -16.27
CA THR B 17 0.67 12.52 -15.07
C THR B 17 0.88 13.89 -14.45
N THR B 18 1.79 13.97 -13.49
CA THR B 18 2.08 15.23 -12.80
C THR B 18 3.03 16.10 -13.60
N ILE B 19 3.16 17.36 -13.19
CA ILE B 19 4.07 18.29 -13.84
C ILE B 19 5.52 17.88 -13.59
N LEU B 20 5.79 17.35 -12.41
CA LEU B 20 7.15 16.97 -12.02
C LEU B 20 7.66 15.81 -12.85
N LYS B 21 6.77 14.88 -13.17
CA LYS B 21 7.17 13.65 -13.86
C LYS B 21 7.35 13.88 -15.36
N PHE B 22 6.57 14.79 -15.92
CA PHE B 22 6.73 15.15 -17.33
C PHE B 22 8.01 15.95 -17.51
N ALA B 23 8.54 16.49 -16.42
CA ALA B 23 9.78 17.25 -16.45
C ALA B 23 10.99 16.32 -16.42
N ARG B 24 10.87 15.22 -15.68
CA ARG B 24 11.95 14.23 -15.58
C ARG B 24 11.87 13.19 -16.69
N ASP B 25 10.95 13.38 -17.64
CA ASP B 25 10.82 12.50 -18.79
C ASP B 25 11.44 13.14 -20.02
N ASN B 26 11.38 14.46 -20.06
CA ASN B 26 11.95 15.24 -21.14
C ASN B 26 13.35 15.79 -20.93
N ASN B 27 13.48 16.58 -19.88
CA ASN B 27 14.73 16.95 -19.23
C ASN B 27 14.66 18.43 -18.96
N ILE B 28 13.60 18.80 -18.27
CA ILE B 28 13.39 20.11 -17.67
C ILE B 28 13.63 20.03 -16.17
N ASP B 29 14.50 20.89 -15.67
CA ASP B 29 14.92 20.83 -14.27
C ASP B 29 13.85 21.37 -13.33
N ILE B 30 13.29 20.49 -12.51
CA ILE B 30 12.39 20.88 -11.43
C ILE B 30 12.84 20.19 -10.15
N SER B 31 13.21 20.99 -9.15
CA SER B 31 13.70 20.45 -7.89
C SER B 31 12.59 19.74 -7.13
N ALA B 32 12.99 18.94 -6.15
CA ALA B 32 12.05 18.19 -5.32
C ALA B 32 12.79 17.73 -4.07
N LEU B 33 12.05 17.56 -2.97
CA LEU B 33 12.67 17.14 -1.72
C LEU B 33 11.85 16.08 -1.00
N CYS B 34 10.66 16.44 -0.54
CA CYS B 34 9.86 15.54 0.28
C CYS B 34 9.17 14.47 -0.57
N PHE B 35 9.26 14.60 -1.89
CA PHE B 35 8.61 13.63 -2.78
C PHE B 35 9.50 12.40 -3.01
N LEU B 36 9.04 11.25 -2.53
CA LEU B 36 9.73 9.99 -2.73
C LEU B 36 8.73 8.84 -2.63
N ASN B 37 8.97 7.78 -3.39
CA ASN B 37 8.09 6.62 -3.41
C ASN B 37 6.65 7.00 -3.74
N ASN B 38 6.50 7.89 -4.74
CA ASN B 38 5.20 8.33 -5.22
C ASN B 38 4.35 9.00 -4.14
N CYS B 39 5.00 9.53 -3.11
CA CYS B 39 4.33 10.27 -2.05
C CYS B 39 5.14 11.47 -1.61
N ASN B 40 4.44 12.54 -1.24
CA ASN B 40 5.07 13.71 -0.63
C ASN B 40 4.65 13.81 0.83
N ASN B 41 5.16 14.83 1.52
CA ASN B 41 4.83 15.03 2.93
C ASN B 41 3.48 15.75 3.05
N ASP B 42 2.43 14.96 3.27
CA ASP B 42 1.08 15.51 3.38
C ASP B 42 0.96 16.43 4.60
N ILE B 43 1.70 16.11 5.66
CA ILE B 43 1.74 16.93 6.86
C ILE B 43 2.19 18.35 6.55
N ASN B 44 3.30 18.45 5.84
CA ASN B 44 3.93 19.74 5.58
C ASN B 44 4.71 19.71 4.28
N LYS B 45 4.01 20.02 3.18
CA LYS B 45 4.64 20.05 1.87
C LYS B 45 5.83 21.01 1.87
N CYS B 46 6.98 20.51 1.42
CA CYS B 46 8.20 21.32 1.38
C CYS B 46 8.10 22.42 0.34
N GLU B 47 7.29 22.19 -0.69
CA GLU B 47 7.06 23.16 -1.75
C GLU B 47 8.37 23.54 -2.47
N ILE B 48 9.32 22.62 -2.49
CA ILE B 48 10.56 22.83 -3.24
C ILE B 48 10.28 22.62 -4.73
N CYS B 49 9.26 21.82 -5.02
CA CYS B 49 8.85 21.54 -6.40
C CYS B 49 7.88 22.60 -6.93
N THR B 50 7.92 23.79 -6.33
CA THR B 50 7.02 24.86 -6.74
C THR B 50 7.28 25.30 -8.17
N VAL B 51 6.22 25.30 -8.97
CA VAL B 51 6.28 25.83 -10.33
C VAL B 51 5.14 26.82 -10.54
N GLU B 52 5.22 27.58 -11.63
CA GLU B 52 4.19 28.55 -11.98
C GLU B 52 3.32 28.03 -13.11
N VAL B 53 2.01 28.01 -12.86
CA VAL B 53 1.04 27.72 -13.91
C VAL B 53 0.15 28.94 -14.09
N GLU B 54 0.26 29.57 -15.25
CA GLU B 54 -0.48 30.80 -15.53
C GLU B 54 -1.98 30.56 -15.48
N GLY B 55 -2.69 31.41 -14.72
CA GLY B 55 -4.12 31.32 -14.59
C GLY B 55 -4.58 30.76 -13.25
N THR B 56 -3.65 30.18 -12.51
CA THR B 56 -3.97 29.58 -11.21
C THR B 56 -2.98 29.99 -10.13
N GLY B 57 -1.73 30.19 -10.52
CA GLY B 57 -0.69 30.64 -9.59
C GLY B 57 0.33 29.57 -9.26
N LEU B 58 1.08 29.78 -8.18
CA LEU B 58 2.11 28.85 -7.76
C LEU B 58 1.50 27.56 -7.23
N VAL B 59 2.03 26.43 -7.71
CA VAL B 59 1.54 25.12 -7.32
C VAL B 59 2.70 24.15 -7.09
N THR B 60 2.43 23.07 -6.35
CA THR B 60 3.42 22.02 -6.15
C THR B 60 3.35 21.04 -7.31
N ALA B 61 4.45 20.95 -8.07
CA ALA B 61 4.48 20.17 -9.30
C ALA B 61 4.45 18.66 -9.06
N CYS B 62 4.77 18.24 -7.84
CA CYS B 62 4.90 16.81 -7.56
C CYS B 62 3.55 16.11 -7.41
N ASP B 63 2.50 16.88 -7.15
CA ASP B 63 1.15 16.32 -6.99
C ASP B 63 0.08 17.15 -7.71
N THR B 64 0.47 17.79 -8.81
CA THR B 64 -0.45 18.54 -9.65
C THR B 64 -0.45 17.96 -11.06
N LEU B 65 -1.57 17.37 -11.47
CA LEU B 65 -1.70 16.75 -12.78
C LEU B 65 -1.74 17.79 -13.89
N ILE B 66 -1.19 17.44 -15.04
CA ILE B 66 -1.29 18.29 -16.23
C ILE B 66 -2.67 18.15 -16.85
N GLU B 67 -3.15 19.23 -17.46
CA GLU B 67 -4.46 19.24 -18.13
C GLU B 67 -4.34 19.94 -19.47
N ASP B 68 -5.41 19.89 -20.26
CA ASP B 68 -5.40 20.50 -21.59
C ASP B 68 -5.21 22.00 -21.50
N GLY B 69 -4.20 22.50 -22.19
CA GLY B 69 -3.94 23.93 -22.25
C GLY B 69 -3.36 24.48 -20.96
N MET B 70 -2.09 24.19 -20.72
CA MET B 70 -1.36 24.75 -19.59
C MET B 70 -0.10 25.45 -20.07
N ILE B 71 0.19 26.60 -19.48
CA ILE B 71 1.43 27.32 -19.73
C ILE B 71 2.19 27.44 -18.42
N ILE B 72 3.35 26.79 -18.37
CA ILE B 72 4.11 26.62 -17.14
C ILE B 72 5.48 27.27 -17.25
N ASN B 73 5.95 27.85 -16.14
CA ASN B 73 7.29 28.41 -16.08
C ASN B 73 8.07 27.86 -14.90
N THR B 74 9.14 27.13 -15.22
CA THR B 74 9.97 26.48 -14.22
C THR B 74 10.58 27.47 -13.23
N ASN B 75 11.11 28.57 -13.75
CA ASN B 75 11.85 29.52 -12.92
C ASN B 75 11.56 30.98 -13.27
N SER B 76 10.41 31.47 -12.81
CA SER B 76 10.15 32.89 -12.78
C SER B 76 10.73 33.43 -11.48
N ASP B 77 10.85 34.75 -11.37
CA ASP B 77 11.42 35.35 -10.18
C ASP B 77 10.57 35.03 -8.95
N ALA B 78 9.27 34.83 -9.16
CA ALA B 78 8.35 34.54 -8.07
C ALA B 78 8.46 33.09 -7.60
N VAL B 79 8.84 32.21 -8.51
CA VAL B 79 9.02 30.79 -8.18
C VAL B 79 10.31 30.60 -7.36
N ASN B 80 11.42 31.11 -7.88
CA ASN B 80 12.71 30.91 -7.23
C ASN B 80 12.79 31.60 -5.86
N GLU B 81 12.03 32.69 -5.70
CA GLU B 81 12.02 33.38 -4.41
C GLU B 81 11.29 32.51 -3.39
N LYS B 82 10.27 31.79 -3.85
CA LYS B 82 9.50 30.93 -2.98
C LYS B 82 10.35 29.74 -2.55
N ILE B 83 10.98 29.08 -3.52
CA ILE B 83 11.83 27.92 -3.23
C ILE B 83 12.99 28.31 -2.33
N LYS B 84 13.71 29.36 -2.71
CA LYS B 84 14.85 29.84 -1.94
C LYS B 84 14.45 30.14 -0.50
N SER B 85 13.24 30.67 -0.32
CA SER B 85 12.72 30.97 1.01
C SER B 85 12.52 29.69 1.81
N ARG B 86 12.01 28.65 1.16
CA ARG B 86 11.74 27.37 1.83
C ARG B 86 13.04 26.69 2.24
N ILE B 87 14.05 26.77 1.40
CA ILE B 87 15.34 26.16 1.72
C ILE B 87 15.99 26.94 2.87
N SER B 88 15.73 28.25 2.89
CA SER B 88 16.27 29.11 3.94
C SER B 88 15.68 28.76 5.30
N GLN B 89 14.38 28.48 5.33
CA GLN B 89 13.71 28.10 6.56
C GLN B 89 14.22 26.76 7.08
N LEU B 90 14.53 25.85 6.17
CA LEU B 90 15.06 24.55 6.56
C LEU B 90 16.47 24.72 7.14
N LEU B 91 17.22 25.66 6.59
CA LEU B 91 18.57 25.93 7.08
C LEU B 91 18.54 26.47 8.51
N ASP B 92 17.42 27.08 8.90
CA ASP B 92 17.29 27.64 10.25
C ASP B 92 17.16 26.54 11.31
N ILE B 93 16.92 25.31 10.87
CA ILE B 93 16.81 24.17 11.77
C ILE B 93 17.82 23.09 11.42
N HIS B 94 18.83 23.47 10.65
CA HIS B 94 19.82 22.52 10.14
C HIS B 94 21.25 22.92 10.51
N GLU B 95 21.92 22.06 11.27
CA GLU B 95 23.32 22.26 11.60
C GLU B 95 24.18 22.12 10.34
N PHE B 96 24.53 23.24 9.73
CA PHE B 96 25.19 23.23 8.43
C PHE B 96 26.71 23.09 8.56
N LYS B 97 27.14 21.89 8.96
CA LYS B 97 28.57 21.57 9.08
C LYS B 97 28.90 20.32 8.26
N CYS B 98 29.07 20.52 6.96
CA CYS B 98 29.24 19.40 6.03
C CYS B 98 30.61 18.74 6.14
N GLY B 99 31.52 19.39 6.86
CA GLY B 99 32.90 18.94 6.96
C GLY B 99 33.04 17.47 7.33
N PRO B 100 32.69 17.11 8.58
CA PRO B 100 32.78 15.73 9.06
C PRO B 100 31.48 14.92 8.90
N CYS B 101 30.57 15.40 8.06
CA CYS B 101 29.28 14.73 7.88
C CYS B 101 29.40 13.50 6.98
N ASN B 102 28.70 12.42 7.34
CA ASN B 102 28.84 11.15 6.63
C ASN B 102 28.07 11.09 5.31
N ARG B 103 27.33 12.15 5.01
CA ARG B 103 26.62 12.27 3.74
C ARG B 103 27.19 13.43 2.91
N ARG B 104 28.39 13.87 3.27
CA ARG B 104 29.03 15.01 2.63
C ARG B 104 29.13 14.86 1.10
N GLU B 105 29.38 13.64 0.65
CA GLU B 105 29.67 13.40 -0.76
C GLU B 105 28.42 13.12 -1.60
N ASN B 106 27.26 12.98 -0.95
CA ASN B 106 26.02 12.68 -1.66
C ASN B 106 24.77 13.13 -0.92
N CYS B 107 24.80 14.34 -0.38
CA CYS B 107 23.65 14.90 0.33
C CYS B 107 22.73 15.67 -0.62
N GLU B 108 21.43 15.40 -0.54
CA GLU B 108 20.47 16.08 -1.38
C GLU B 108 20.26 17.51 -0.94
N PHE B 109 20.33 17.75 0.37
CA PHE B 109 20.06 19.08 0.91
C PHE B 109 21.18 20.04 0.55
N LEU B 110 22.41 19.58 0.63
CA LEU B 110 23.56 20.42 0.32
C LEU B 110 23.47 20.91 -1.13
N LYS B 111 23.07 20.02 -2.03
CA LYS B 111 22.98 20.36 -3.45
C LYS B 111 21.87 21.38 -3.71
N LEU B 112 20.82 21.34 -2.91
CA LEU B 112 19.72 22.30 -3.05
C LEU B 112 20.13 23.68 -2.54
N VAL B 113 20.88 23.70 -1.45
CA VAL B 113 21.37 24.95 -0.88
C VAL B 113 22.30 25.65 -1.86
N ILE B 114 23.21 24.91 -2.47
CA ILE B 114 24.15 25.46 -3.43
C ILE B 114 23.42 25.95 -4.69
N LYS B 115 22.43 25.20 -5.13
CA LYS B 115 21.71 25.50 -6.37
C LYS B 115 20.98 26.84 -6.30
N TYR B 116 20.26 27.07 -5.21
CA TYR B 116 19.44 28.27 -5.05
C TYR B 116 20.15 29.36 -4.23
N LYS B 117 21.40 29.12 -3.84
CA LYS B 117 22.17 30.10 -3.09
C LYS B 117 21.44 30.49 -1.80
N ALA B 118 20.85 29.50 -1.14
CA ALA B 118 20.07 29.74 0.06
C ALA B 118 20.96 30.04 1.27
N ARG B 119 20.46 30.89 2.16
CA ARG B 119 21.15 31.24 3.40
C ARG B 119 20.19 31.28 4.57
N ALA B 120 20.66 30.84 5.74
CA ALA B 120 19.86 30.88 6.95
C ALA B 120 19.72 32.31 7.47
N SER B 121 18.53 32.66 7.93
CA SER B 121 18.32 33.94 8.58
C SER B 121 19.11 33.95 9.88
N LYS B 122 19.00 32.86 10.62
CA LYS B 122 19.81 32.64 11.82
C LYS B 122 20.42 31.23 11.76
N PRO B 123 21.76 31.13 11.70
CA PRO B 123 22.41 29.81 11.67
C PRO B 123 22.06 28.95 12.88
N PHE B 124 21.74 27.68 12.65
CA PHE B 124 21.44 26.73 13.72
C PHE B 124 22.74 26.09 14.21
N LEU B 125 23.16 26.48 15.42
CA LEU B 125 24.42 26.02 15.99
C LEU B 125 24.26 25.52 17.42
N PRO B 126 23.61 24.35 17.58
CA PRO B 126 23.45 23.78 18.92
C PRO B 126 24.78 23.39 19.54
N LYS B 127 25.04 23.88 20.75
CA LYS B 127 26.33 23.70 21.41
C LYS B 127 26.46 22.30 22.00
N ASP B 128 25.34 21.74 22.43
CA ASP B 128 25.30 20.37 22.94
C ASP B 128 24.24 19.58 22.20
N LYS B 129 24.66 18.53 21.51
CA LYS B 129 23.78 17.77 20.63
C LYS B 129 23.22 16.49 21.27
N THR B 130 23.60 16.23 22.52
CA THR B 130 23.24 14.98 23.18
C THR B 130 21.73 14.73 23.18
N GLU B 131 20.95 15.81 23.30
CA GLU B 131 19.50 15.69 23.33
C GLU B 131 18.90 15.59 21.92
N TYR B 132 19.76 15.70 20.91
CA TYR B 132 19.32 15.58 19.52
C TYR B 132 19.69 14.21 18.95
N VAL B 133 20.62 13.53 19.62
CA VAL B 133 21.20 12.29 19.10
C VAL B 133 20.71 11.06 19.88
N ASP B 134 20.40 10.00 19.14
CA ASP B 134 20.01 8.71 19.73
C ASP B 134 20.86 7.59 19.13
N GLU B 135 21.70 6.98 19.96
CA GLU B 135 22.61 5.92 19.52
C GLU B 135 22.42 4.65 20.36
N ARG B 136 21.24 4.52 20.98
CA ARG B 136 20.95 3.37 21.83
C ARG B 136 20.85 2.08 21.04
N SER B 137 20.27 2.16 19.84
CA SER B 137 20.01 0.98 19.03
C SER B 137 21.32 0.32 18.57
N LYS B 138 21.23 -0.98 18.29
CA LYS B 138 22.37 -1.74 17.79
C LYS B 138 22.49 -1.63 16.27
N SER B 139 21.50 -1.00 15.64
CA SER B 139 21.44 -0.92 14.18
C SER B 139 21.26 0.51 13.66
N LEU B 140 20.31 1.24 14.24
CA LEU B 140 19.98 2.59 13.77
C LEU B 140 20.55 3.69 14.68
N THR B 141 20.81 4.85 14.09
CA THR B 141 21.13 6.05 14.87
C THR B 141 20.41 7.24 14.26
N VAL B 142 20.13 8.24 15.09
CA VAL B 142 19.43 9.45 14.67
C VAL B 142 20.20 10.69 15.06
N ASP B 143 20.28 11.65 14.15
CA ASP B 143 20.85 12.97 14.43
C ASP B 143 19.84 14.03 14.02
N ARG B 144 19.08 14.54 14.99
CA ARG B 144 17.95 15.41 14.69
C ARG B 144 18.36 16.84 14.38
N THR B 145 19.65 17.15 14.48
CA THR B 145 20.15 18.45 14.05
C THR B 145 20.24 18.49 12.53
N LYS B 146 20.08 17.33 11.89
CA LYS B 146 20.14 17.21 10.44
C LYS B 146 18.76 17.04 9.82
N CYS B 147 17.78 16.65 10.63
CA CYS B 147 16.46 16.27 10.13
C CYS B 147 15.66 17.45 9.56
N LEU B 148 15.16 17.27 8.35
CA LEU B 148 14.38 18.31 7.66
C LEU B 148 12.87 18.12 7.85
N LEU B 149 12.48 17.06 8.54
CA LEU B 149 11.07 16.72 8.74
C LEU B 149 10.34 16.60 7.39
N CYS B 150 11.00 15.96 6.43
CA CYS B 150 10.40 15.73 5.11
C CYS B 150 9.46 14.54 5.13
N GLY B 151 9.57 13.70 6.16
CA GLY B 151 8.68 12.58 6.34
C GLY B 151 8.93 11.43 5.38
N ARG B 152 10.06 11.47 4.69
CA ARG B 152 10.38 10.42 3.72
C ARG B 152 10.65 9.08 4.39
N CYS B 153 11.20 9.12 5.61
CA CYS B 153 11.45 7.90 6.36
C CYS B 153 10.15 7.28 6.85
N VAL B 154 9.20 8.14 7.23
CA VAL B 154 7.90 7.71 7.72
C VAL B 154 7.14 6.98 6.60
N ASN B 155 7.10 7.59 5.43
CA ASN B 155 6.41 6.99 4.28
C ASN B 155 7.13 5.72 3.82
N ALA B 156 8.45 5.74 3.91
CA ALA B 156 9.25 4.59 3.49
C ALA B 156 8.93 3.39 4.37
N CYS B 157 8.99 3.57 5.68
CA CYS B 157 8.69 2.49 6.63
C CYS B 157 7.30 1.91 6.36
N GLY B 158 6.32 2.79 6.23
CA GLY B 158 4.95 2.37 5.99
C GLY B 158 4.81 1.52 4.75
N LYS B 159 5.36 2.02 3.64
CA LYS B 159 5.23 1.33 2.36
C LYS B 159 6.03 0.03 2.31
N ASN B 160 7.24 0.06 2.84
CA ASN B 160 8.13 -1.10 2.77
C ASN B 160 7.81 -2.21 3.77
N THR B 161 7.37 -1.84 4.96
CA THR B 161 7.17 -2.80 6.05
C THR B 161 5.73 -2.83 6.60
N GLU B 162 5.01 -1.71 6.46
CA GLU B 162 3.66 -1.57 7.00
C GLU B 162 3.62 -1.71 8.52
N THR B 163 4.76 -1.50 9.18
CA THR B 163 4.82 -1.55 10.64
C THR B 163 4.57 -0.18 11.25
N TYR B 164 4.93 0.86 10.50
CA TYR B 164 4.83 2.24 10.96
C TYR B 164 5.61 2.42 12.26
N ALA B 165 6.75 1.76 12.34
CA ALA B 165 7.63 1.86 13.52
C ALA B 165 8.29 3.23 13.59
N MET B 166 8.43 3.88 12.43
CA MET B 166 8.89 5.27 12.37
C MET B 166 7.68 6.19 12.34
N LYS B 167 7.60 7.10 13.31
CA LYS B 167 6.43 7.96 13.47
C LYS B 167 6.81 9.43 13.66
N PHE B 168 5.84 10.30 13.42
CA PHE B 168 5.95 11.69 13.84
C PHE B 168 5.57 11.78 15.31
N LEU B 169 6.44 12.39 16.11
CA LEU B 169 6.21 12.51 17.55
C LEU B 169 6.14 13.98 17.97
N ASN B 170 5.45 14.23 19.09
CA ASN B 170 5.36 15.55 19.67
C ASN B 170 6.19 15.65 20.95
N LYS B 171 7.43 16.08 20.82
CA LYS B 171 8.34 16.17 21.95
C LYS B 171 8.39 17.59 22.51
N ASN B 172 7.76 17.79 23.66
CA ASN B 172 7.74 19.08 24.33
C ASN B 172 7.26 20.20 23.42
N GLY B 173 6.18 19.96 22.70
CA GLY B 173 5.60 20.94 21.81
C GLY B 173 6.32 21.05 20.47
N LYS B 174 7.43 20.35 20.35
CA LYS B 174 8.22 20.34 19.12
C LYS B 174 8.02 19.02 18.37
N THR B 175 8.10 19.07 17.05
CA THR B 175 7.89 17.89 16.22
C THR B 175 9.22 17.20 15.88
N ILE B 176 9.26 15.90 16.11
CA ILE B 176 10.41 15.08 15.73
C ILE B 176 9.94 13.80 15.03
N ILE B 177 10.89 13.04 14.51
CA ILE B 177 10.66 11.69 14.05
C ILE B 177 11.32 10.73 15.03
N GLY B 178 10.80 9.51 15.13
CA GLY B 178 11.36 8.53 16.05
C GLY B 178 10.45 7.33 16.27
N ALA B 179 10.92 6.39 17.08
CA ALA B 179 10.16 5.19 17.39
C ALA B 179 9.01 5.50 18.35
N GLU B 180 8.13 4.52 18.54
CA GLU B 180 6.96 4.69 19.39
C GLU B 180 7.35 5.16 20.80
N ASP B 181 6.75 6.26 21.23
CA ASP B 181 7.01 6.84 22.56
C ASP B 181 8.48 7.18 22.75
N GLU B 182 9.17 7.47 21.64
CA GLU B 182 10.57 7.84 21.67
C GLU B 182 11.44 6.76 22.32
N LYS B 183 10.98 5.52 22.25
CA LYS B 183 11.76 4.39 22.77
C LYS B 183 12.92 4.07 21.84
N CYS B 184 13.81 3.19 22.30
CA CYS B 184 14.85 2.65 21.42
C CYS B 184 14.20 1.73 20.40
N PHE B 185 14.54 1.91 19.13
CA PHE B 185 13.94 1.14 18.04
C PHE B 185 14.00 -0.36 18.31
N ASP B 186 15.10 -0.81 18.90
CA ASP B 186 15.30 -2.22 19.21
C ASP B 186 14.17 -2.78 20.08
N ASP B 187 13.61 -1.92 20.93
CA ASP B 187 12.58 -2.34 21.89
C ASP B 187 11.17 -2.12 21.36
N THR B 188 11.05 -2.02 20.05
CA THR B 188 9.74 -1.86 19.40
C THR B 188 9.56 -2.93 18.33
N ASN B 189 8.45 -2.84 17.60
CA ASN B 189 8.16 -3.79 16.52
C ASN B 189 8.99 -3.53 15.27
N CYS B 190 9.86 -2.52 15.33
CA CYS B 190 10.77 -2.20 14.24
C CYS B 190 11.59 -3.42 13.83
N LEU B 191 11.84 -3.55 12.53
CA LEU B 191 12.59 -4.69 11.99
C LEU B 191 14.09 -4.39 11.87
N LEU B 192 14.47 -3.14 12.14
CA LEU B 192 15.86 -2.70 11.98
C LEU B 192 16.35 -2.95 10.56
N CYS B 193 15.44 -2.88 9.60
CA CYS B 193 15.75 -3.13 8.19
C CYS B 193 16.47 -1.95 7.54
N GLY B 194 16.29 -0.76 8.10
CA GLY B 194 17.02 0.42 7.66
C GLY B 194 16.53 1.02 6.35
N GLN B 195 15.32 0.68 5.94
CA GLN B 195 14.74 1.28 4.73
C GLN B 195 14.50 2.76 4.94
N CYS B 196 14.38 3.19 6.19
CA CYS B 196 14.23 4.59 6.52
C CYS B 196 15.52 5.36 6.25
N ILE B 197 16.65 4.72 6.51
CA ILE B 197 17.96 5.32 6.22
C ILE B 197 18.08 5.58 4.72
N ILE B 198 17.71 4.59 3.92
CA ILE B 198 17.82 4.69 2.47
C ILE B 198 16.98 5.84 1.91
N ALA B 199 15.85 6.11 2.56
CA ALA B 199 14.94 7.15 2.10
C ALA B 199 15.36 8.54 2.56
N CYS B 200 16.28 8.61 3.53
CA CYS B 200 16.67 9.89 4.09
C CYS B 200 17.54 10.67 3.10
N PRO B 201 17.20 11.95 2.84
CA PRO B 201 18.00 12.76 1.92
C PRO B 201 19.25 13.37 2.58
N VAL B 202 19.35 13.22 3.91
CA VAL B 202 20.45 13.81 4.67
C VAL B 202 21.04 12.80 5.64
N ALA B 203 21.91 13.26 6.54
CA ALA B 203 22.57 12.38 7.50
C ALA B 203 21.81 12.32 8.82
N ALA B 204 20.50 12.53 8.77
CA ALA B 204 19.67 12.47 9.96
C ALA B 204 19.60 11.03 10.47
N LEU B 205 19.47 10.09 9.54
CA LEU B 205 19.45 8.67 9.86
C LEU B 205 20.71 7.99 9.37
N SER B 206 21.32 7.19 10.23
CA SER B 206 22.55 6.48 9.89
C SER B 206 22.57 5.13 10.59
N GLU B 207 23.48 4.26 10.15
CA GLU B 207 23.66 2.96 10.79
C GLU B 207 24.50 3.14 12.05
N LYS B 208 24.35 2.21 12.99
CA LYS B 208 25.19 2.19 14.18
C LYS B 208 26.60 1.79 13.78
N SER B 209 27.58 2.63 14.10
CA SER B 209 28.94 2.44 13.63
C SER B 209 29.68 1.31 14.35
N HIS B 210 30.38 0.50 13.57
CA HIS B 210 31.25 -0.55 14.11
C HIS B 210 32.70 -0.31 13.69
N MET B 211 32.96 0.81 13.03
CA MET B 211 34.28 1.05 12.45
C MET B 211 35.38 1.10 13.50
N ASP B 212 35.06 1.58 14.70
CA ASP B 212 36.04 1.62 15.78
C ASP B 212 36.34 0.22 16.31
N ARG B 213 35.36 -0.67 16.27
CA ARG B 213 35.60 -2.07 16.64
C ARG B 213 36.67 -2.66 15.74
N VAL B 214 36.52 -2.42 14.43
CA VAL B 214 37.40 -3.00 13.43
C VAL B 214 38.80 -2.41 13.54
N LYS B 215 38.89 -1.08 13.59
CA LYS B 215 40.19 -0.41 13.61
C LYS B 215 40.98 -0.76 14.88
N ASN B 216 40.29 -0.94 15.99
CA ASN B 216 40.95 -1.37 17.22
C ASN B 216 41.42 -2.82 17.12
N ALA B 217 40.66 -3.65 16.41
CA ALA B 217 41.03 -5.04 16.21
C ALA B 217 42.24 -5.15 15.28
N LEU B 218 42.26 -4.33 14.23
CA LEU B 218 43.36 -4.35 13.27
C LEU B 218 44.67 -3.90 13.92
N ASN B 219 44.58 -2.90 14.80
CA ASN B 219 45.76 -2.33 15.45
C ASN B 219 46.26 -3.16 16.63
N ALA B 220 45.44 -4.10 17.09
CA ALA B 220 45.84 -4.98 18.19
C ALA B 220 46.84 -6.02 17.66
N PRO B 221 48.06 -6.05 18.22
CA PRO B 221 49.10 -6.93 17.67
C PRO B 221 48.74 -8.42 17.73
N GLU B 222 48.06 -8.85 18.78
CA GLU B 222 47.77 -10.27 18.97
C GLU B 222 46.49 -10.71 18.25
N LYS B 223 45.73 -9.75 17.72
CA LYS B 223 44.47 -10.06 17.07
C LYS B 223 44.64 -10.41 15.59
N HIS B 224 44.01 -11.51 15.21
CA HIS B 224 44.01 -11.99 13.83
C HIS B 224 42.64 -11.72 13.22
N VAL B 225 42.54 -10.69 12.39
CA VAL B 225 41.27 -10.17 11.92
C VAL B 225 40.82 -10.79 10.60
N ILE B 226 39.71 -11.51 10.63
CA ILE B 226 39.09 -12.08 9.44
C ILE B 226 38.06 -11.11 8.87
N VAL B 227 38.02 -11.00 7.54
CA VAL B 227 36.96 -10.24 6.89
C VAL B 227 36.29 -11.10 5.81
N ALA B 228 34.97 -10.94 5.68
CA ALA B 228 34.19 -11.65 4.67
C ALA B 228 32.99 -10.81 4.27
N MET B 229 32.82 -10.58 2.97
CA MET B 229 31.75 -9.72 2.49
C MET B 229 30.54 -10.53 2.01
N ALA B 230 29.37 -9.93 2.13
CA ALA B 230 28.14 -10.54 1.66
C ALA B 230 28.08 -10.54 0.14
N PRO B 231 27.16 -11.32 -0.44
CA PRO B 231 26.99 -11.36 -1.90
C PRO B 231 26.79 -9.98 -2.53
N SER B 232 25.95 -9.15 -1.93
CA SER B 232 25.53 -7.90 -2.55
C SER B 232 26.62 -6.83 -2.60
N VAL B 233 27.60 -6.92 -1.71
CA VAL B 233 28.65 -5.92 -1.61
C VAL B 233 29.39 -5.76 -2.94
N ARG B 234 29.77 -6.87 -3.55
CA ARG B 234 30.56 -6.83 -4.78
C ARG B 234 29.76 -6.31 -5.97
N ALA B 235 28.46 -6.11 -5.77
CA ALA B 235 27.58 -5.65 -6.84
C ALA B 235 27.08 -4.21 -6.60
N SER B 236 27.61 -3.56 -5.57
CA SER B 236 27.07 -2.29 -5.12
C SER B 236 28.13 -1.22 -4.81
N ILE B 237 29.17 -1.60 -4.08
CA ILE B 237 30.09 -0.61 -3.50
C ILE B 237 30.78 0.24 -4.56
N GLY B 238 30.86 -0.28 -5.79
CA GLY B 238 31.46 0.45 -6.89
C GLY B 238 30.77 1.79 -7.14
N GLU B 239 29.50 1.87 -6.79
CA GLU B 239 28.71 3.08 -6.97
C GLU B 239 29.30 4.28 -6.23
N LEU B 240 29.95 4.01 -5.11
CA LEU B 240 30.51 5.08 -4.27
C LEU B 240 31.94 5.45 -4.68
N PHE B 241 32.41 4.90 -5.80
CA PHE B 241 33.74 5.22 -6.31
C PHE B 241 33.67 5.64 -7.78
N ASN B 242 32.53 6.20 -8.17
CA ASN B 242 32.34 6.77 -9.50
C ASN B 242 32.52 5.74 -10.62
N MET B 243 32.07 4.51 -10.38
CA MET B 243 32.22 3.43 -11.37
C MET B 243 30.91 3.10 -12.07
N GLY B 244 29.82 3.72 -11.63
CA GLY B 244 28.51 3.49 -12.23
C GLY B 244 27.77 2.36 -11.55
N PHE B 245 26.65 1.96 -12.13
CA PHE B 245 25.77 0.93 -11.56
C PHE B 245 25.97 -0.42 -12.26
N GLY B 246 25.83 -1.50 -11.49
CA GLY B 246 25.84 -2.84 -12.03
C GLY B 246 27.22 -3.39 -12.35
N VAL B 247 28.25 -2.82 -11.73
CA VAL B 247 29.61 -3.25 -11.96
C VAL B 247 30.02 -4.33 -10.95
N ASP B 248 30.62 -5.41 -11.47
CA ASP B 248 31.19 -6.46 -10.63
C ASP B 248 32.60 -6.04 -10.21
N VAL B 249 32.78 -5.80 -8.92
CA VAL B 249 34.06 -5.32 -8.39
C VAL B 249 34.64 -6.29 -7.36
N THR B 250 34.29 -7.56 -7.50
CA THR B 250 34.72 -8.60 -6.55
C THR B 250 36.23 -8.60 -6.32
N GLY B 251 36.99 -8.63 -7.41
CA GLY B 251 38.43 -8.71 -7.34
C GLY B 251 39.08 -7.51 -6.69
N LYS B 252 38.49 -6.33 -6.91
CA LYS B 252 39.03 -5.09 -6.37
C LYS B 252 38.84 -5.00 -4.86
N ILE B 253 37.71 -5.51 -4.37
CA ILE B 253 37.44 -5.53 -2.94
C ILE B 253 38.48 -6.37 -2.22
N TYR B 254 38.77 -7.57 -2.76
CA TYR B 254 39.76 -8.45 -2.18
C TYR B 254 41.11 -7.74 -2.04
N THR B 255 41.49 -7.01 -3.08
CA THR B 255 42.72 -6.23 -3.05
C THR B 255 42.65 -5.13 -2.01
N ALA B 256 41.52 -4.43 -1.98
CA ALA B 256 41.34 -3.31 -1.06
C ALA B 256 41.39 -3.76 0.40
N LEU B 257 40.77 -4.90 0.69
CA LEU B 257 40.73 -5.41 2.05
C LEU B 257 42.13 -5.76 2.55
N ARG B 258 42.97 -6.32 1.68
CA ARG B 258 44.33 -6.65 2.07
C ARG B 258 45.14 -5.38 2.32
N GLN B 259 44.88 -4.33 1.54
CA GLN B 259 45.56 -3.06 1.73
C GLN B 259 45.12 -2.37 3.02
N LEU B 260 43.91 -2.71 3.50
CA LEU B 260 43.43 -2.16 4.75
C LEU B 260 44.11 -2.82 5.95
N GLY B 261 44.71 -3.98 5.73
CA GLY B 261 45.51 -4.65 6.74
C GLY B 261 44.87 -5.88 7.35
N PHE B 262 43.77 -6.35 6.76
CA PHE B 262 43.11 -7.55 7.27
C PHE B 262 44.03 -8.75 7.09
N ASP B 263 43.97 -9.68 8.03
CA ASP B 263 44.91 -10.79 8.08
C ASP B 263 44.47 -11.99 7.25
N LYS B 264 43.18 -12.07 6.98
CA LYS B 264 42.64 -13.16 6.16
C LYS B 264 41.42 -12.69 5.37
N ILE B 265 41.38 -13.07 4.10
CA ILE B 265 40.32 -12.64 3.19
C ILE B 265 39.42 -13.81 2.81
N PHE B 266 38.22 -13.83 3.39
CA PHE B 266 37.23 -14.87 3.12
C PHE B 266 36.01 -14.25 2.45
N ASP B 267 34.91 -14.99 2.43
CA ASP B 267 33.68 -14.53 1.77
C ASP B 267 32.46 -15.17 2.41
N ILE B 268 31.43 -14.38 2.65
CA ILE B 268 30.20 -14.88 3.26
C ILE B 268 29.51 -15.87 2.35
N ASN B 269 29.77 -15.78 1.04
CA ASN B 269 29.20 -16.73 0.09
C ASN B 269 29.59 -18.16 0.42
N PHE B 270 30.73 -18.32 1.11
CA PHE B 270 31.14 -19.63 1.59
C PHE B 270 30.17 -20.07 2.69
N GLY B 271 29.82 -19.15 3.56
CA GLY B 271 28.85 -19.41 4.61
C GLY B 271 27.47 -19.63 4.05
N ALA B 272 27.21 -19.06 2.87
CA ALA B 272 25.93 -19.25 2.20
C ALA B 272 25.79 -20.70 1.75
N ASP B 273 26.89 -21.27 1.26
CA ASP B 273 26.90 -22.68 0.84
C ASP B 273 26.73 -23.59 2.06
N MET B 274 27.24 -23.15 3.21
CA MET B 274 27.05 -23.88 4.47
C MET B 274 25.58 -23.92 4.85
N THR B 275 24.92 -22.76 4.74
CA THR B 275 23.50 -22.65 5.07
C THR B 275 22.67 -23.63 4.24
N ILE B 276 22.96 -23.67 2.94
CA ILE B 276 22.26 -24.56 2.03
C ILE B 276 22.51 -26.03 2.39
N MET B 277 23.75 -26.35 2.76
CA MET B 277 24.09 -27.71 3.16
C MET B 277 23.21 -28.15 4.33
N GLU B 278 23.04 -27.27 5.31
CA GLU B 278 22.27 -27.58 6.50
C GLU B 278 20.76 -27.49 6.22
N GLU B 279 20.35 -26.48 5.46
CA GLU B 279 18.92 -26.22 5.27
C GLU B 279 18.30 -27.16 4.24
N ALA B 280 19.03 -27.45 3.17
CA ALA B 280 18.55 -28.40 2.17
C ALA B 280 18.46 -29.78 2.80
N THR B 281 19.42 -30.11 3.66
CA THR B 281 19.39 -31.36 4.40
C THR B 281 18.16 -31.38 5.30
N GLU B 282 17.90 -30.26 5.96
CA GLU B 282 16.74 -30.15 6.85
C GLU B 282 15.44 -30.32 6.08
N LEU B 283 15.38 -29.76 4.87
CA LEU B 283 14.18 -29.86 4.05
C LEU B 283 13.90 -31.31 3.67
N VAL B 284 14.95 -32.03 3.28
CA VAL B 284 14.81 -33.44 2.91
C VAL B 284 14.35 -34.26 4.12
N GLN B 285 14.85 -33.89 5.30
CA GLN B 285 14.47 -34.57 6.53
C GLN B 285 12.99 -34.36 6.85
N ARG B 286 12.52 -33.13 6.72
CA ARG B 286 11.13 -32.80 7.04
C ARG B 286 10.16 -33.50 6.08
N ILE B 287 10.64 -33.82 4.89
CA ILE B 287 9.82 -34.53 3.91
C ILE B 287 9.55 -35.95 4.38
N GLU B 288 10.60 -36.62 4.85
CA GLU B 288 10.46 -37.99 5.34
C GLU B 288 9.64 -38.04 6.63
N ASN B 289 9.78 -37.02 7.46
CA ASN B 289 9.10 -36.96 8.74
C ASN B 289 7.75 -36.24 8.66
N ASN B 290 7.29 -36.00 7.43
CA ASN B 290 5.98 -35.41 7.18
C ASN B 290 5.78 -34.07 7.90
N GLY B 291 6.84 -33.28 8.01
CA GLY B 291 6.76 -31.97 8.63
C GLY B 291 7.88 -31.70 9.60
N PRO B 292 7.76 -30.61 10.38
CA PRO B 292 6.63 -29.67 10.35
C PRO B 292 6.66 -28.75 9.14
N PHE B 293 5.57 -28.72 8.38
CA PHE B 293 5.45 -27.83 7.22
C PHE B 293 4.51 -26.66 7.55
N PRO B 294 4.77 -25.49 6.95
CA PRO B 294 5.89 -25.17 6.05
C PRO B 294 7.16 -24.85 6.82
N MET B 295 8.32 -25.04 6.19
CA MET B 295 9.59 -24.56 6.74
C MET B 295 9.87 -23.18 6.19
N PHE B 296 10.23 -22.25 7.07
CA PHE B 296 10.60 -20.89 6.68
C PHE B 296 12.11 -20.70 6.71
N THR B 297 12.63 -19.93 5.77
CA THR B 297 14.03 -19.54 5.80
C THR B 297 14.25 -18.68 7.03
N SER B 298 15.50 -18.61 7.50
CA SER B 298 15.81 -17.88 8.73
C SER B 298 17.10 -17.07 8.60
N CYS B 299 17.47 -16.74 7.37
CA CYS B 299 18.72 -16.03 7.12
C CYS B 299 18.58 -14.51 7.19
N CYS B 300 17.34 -14.01 7.11
CA CYS B 300 17.08 -12.58 7.16
C CYS B 300 16.68 -12.13 8.56
N PRO B 301 17.57 -11.42 9.28
CA PRO B 301 17.23 -10.99 10.65
C PRO B 301 16.06 -10.01 10.71
N GLY B 302 15.77 -9.34 9.60
CA GLY B 302 14.62 -8.45 9.53
C GLY B 302 13.32 -9.24 9.60
N TRP B 303 13.26 -10.33 8.83
CA TRP B 303 12.10 -11.21 8.81
C TRP B 303 11.97 -11.96 10.14
N VAL B 304 13.10 -12.32 10.74
CA VAL B 304 13.09 -13.01 12.03
C VAL B 304 12.43 -12.13 13.09
N ARG B 305 12.82 -10.85 13.14
CA ARG B 305 12.25 -9.93 14.10
C ARG B 305 10.76 -9.71 13.81
N GLN B 306 10.39 -9.69 12.54
CA GLN B 306 9.00 -9.57 12.16
C GLN B 306 8.21 -10.74 12.72
N ALA B 307 8.76 -11.94 12.56
CA ALA B 307 8.16 -13.15 13.10
C ALA B 307 8.05 -13.05 14.62
N GLU B 308 9.17 -12.69 15.27
CA GLU B 308 9.20 -12.56 16.72
C GLU B 308 8.16 -11.56 17.23
N ASN B 309 7.97 -10.48 16.48
CA ASN B 309 7.13 -9.38 16.93
C ASN B 309 5.67 -9.48 16.51
N TYR B 310 5.38 -10.32 15.52
CA TYR B 310 4.04 -10.37 14.92
C TYR B 310 3.48 -11.78 14.77
N TYR B 311 4.34 -12.76 14.49
CA TYR B 311 3.90 -14.14 14.28
C TYR B 311 4.77 -15.12 15.04
N PRO B 312 4.78 -15.00 16.38
CA PRO B 312 5.67 -15.80 17.23
C PRO B 312 5.38 -17.30 17.16
N GLU B 313 4.16 -17.66 16.76
CA GLU B 313 3.76 -19.06 16.66
C GLU B 313 4.49 -19.78 15.53
N LEU B 314 5.06 -19.00 14.60
CA LEU B 314 5.74 -19.56 13.43
C LEU B 314 7.23 -19.80 13.68
N LEU B 315 7.71 -19.43 14.86
CA LEU B 315 9.15 -19.50 15.14
C LEU B 315 9.71 -20.92 15.08
N ASN B 316 8.91 -21.90 15.48
CA ASN B 316 9.36 -23.28 15.46
C ASN B 316 9.41 -23.85 14.04
N ASN B 317 8.76 -23.17 13.11
CA ASN B 317 8.76 -23.57 11.70
C ASN B 317 10.00 -23.09 10.95
N LEU B 318 10.63 -22.05 11.47
CA LEU B 318 11.86 -21.52 10.87
C LEU B 318 12.94 -22.59 10.78
N SER B 319 13.73 -22.54 9.72
CA SER B 319 14.88 -23.42 9.57
C SER B 319 15.85 -23.16 10.72
N SER B 320 16.40 -24.23 11.29
CA SER B 320 17.31 -24.10 12.43
C SER B 320 18.73 -23.77 11.98
N ALA B 321 18.99 -23.90 10.68
CA ALA B 321 20.29 -23.53 10.13
C ALA B 321 20.56 -22.05 10.38
N LYS B 322 21.77 -21.75 10.84
CA LYS B 322 22.17 -20.36 11.07
C LYS B 322 22.31 -19.64 9.73
N SER B 323 22.24 -18.31 9.77
CA SER B 323 22.39 -17.51 8.57
C SER B 323 23.82 -17.61 8.05
N PRO B 324 24.04 -17.24 6.78
CA PRO B 324 25.38 -17.26 6.19
C PRO B 324 26.40 -16.48 7.03
N GLN B 325 25.97 -15.39 7.65
CA GLN B 325 26.85 -14.58 8.48
C GLN B 325 27.23 -15.33 9.74
N GLN B 326 26.24 -15.83 10.47
CA GLN B 326 26.48 -16.46 11.76
C GLN B 326 27.11 -17.84 11.62
N ILE B 327 26.69 -18.60 10.62
CA ILE B 327 27.19 -19.96 10.44
C ILE B 327 28.66 -19.90 10.00
N PHE B 328 29.01 -18.85 9.28
CA PHE B 328 30.39 -18.60 8.90
C PHE B 328 31.22 -18.23 10.14
N GLY B 329 30.64 -17.39 10.99
CA GLY B 329 31.32 -16.93 12.18
C GLY B 329 31.60 -18.06 13.15
N THR B 330 30.63 -18.95 13.31
CA THR B 330 30.79 -20.11 14.19
C THR B 330 31.96 -20.97 13.71
N ALA B 331 32.05 -21.17 12.41
CA ALA B 331 33.10 -21.99 11.83
C ALA B 331 34.47 -21.32 11.93
N SER B 332 34.47 -19.98 11.96
CA SER B 332 35.73 -19.23 11.98
C SER B 332 36.41 -19.29 13.34
N LYS B 333 35.66 -19.72 14.35
CA LYS B 333 36.19 -19.85 15.71
C LYS B 333 36.44 -21.30 16.11
N THR B 334 36.11 -22.22 15.21
CA THR B 334 36.25 -23.65 15.48
C THR B 334 37.06 -24.36 14.39
N TYR B 335 36.50 -24.39 13.19
CA TYR B 335 37.16 -25.07 12.07
C TYR B 335 38.43 -24.36 11.63
N TYR B 336 38.40 -23.03 11.60
CA TYR B 336 39.51 -22.27 11.04
C TYR B 336 40.78 -22.37 11.90
N PRO B 337 40.65 -22.24 13.23
CA PRO B 337 41.85 -22.43 14.07
C PRO B 337 42.47 -23.83 13.96
N SER B 338 41.67 -24.83 13.57
CA SER B 338 42.15 -26.21 13.52
C SER B 338 43.04 -26.47 12.30
N ILE B 339 42.91 -25.61 11.28
CA ILE B 339 43.70 -25.75 10.06
C ILE B 339 44.71 -24.61 9.90
N SER B 340 44.89 -23.83 10.96
CA SER B 340 45.77 -22.66 10.91
C SER B 340 46.72 -22.61 12.12
N GLY B 341 46.26 -23.14 13.24
CA GLY B 341 47.05 -23.14 14.46
C GLY B 341 46.85 -21.89 15.29
N LEU B 342 45.90 -21.05 14.90
CA LEU B 342 45.61 -19.84 15.64
C LEU B 342 44.90 -20.17 16.94
N ASP B 343 45.10 -19.33 17.95
CA ASP B 343 44.34 -19.44 19.20
C ASP B 343 42.96 -18.82 18.95
N PRO B 344 41.89 -19.64 19.10
CA PRO B 344 40.53 -19.15 18.81
C PRO B 344 40.18 -17.80 19.45
N LYS B 345 40.70 -17.52 20.63
CA LYS B 345 40.37 -16.28 21.34
C LYS B 345 40.98 -15.06 20.64
N ASN B 346 42.03 -15.29 19.86
CA ASN B 346 42.71 -14.20 19.16
C ASN B 346 42.09 -13.91 17.79
N VAL B 347 41.11 -14.72 17.40
CA VAL B 347 40.43 -14.51 16.12
C VAL B 347 39.33 -13.44 16.29
N PHE B 348 39.33 -12.46 15.38
CA PHE B 348 38.33 -11.40 15.39
C PHE B 348 37.66 -11.33 14.02
N THR B 349 36.42 -11.82 13.94
CA THR B 349 35.73 -11.96 12.67
C THR B 349 34.85 -10.76 12.35
N VAL B 350 35.18 -10.09 11.24
CA VAL B 350 34.41 -8.96 10.75
C VAL B 350 33.68 -9.34 9.47
N THR B 351 32.45 -8.87 9.33
CA THR B 351 31.70 -9.06 8.08
C THR B 351 31.35 -7.74 7.45
N VAL B 352 31.12 -7.75 6.14
CA VAL B 352 30.66 -6.58 5.41
C VAL B 352 29.30 -6.89 4.78
N MET B 353 28.29 -6.13 5.18
CA MET B 353 26.90 -6.42 4.83
C MET B 353 26.20 -5.24 4.16
N PRO B 354 25.18 -5.52 3.34
CA PRO B 354 24.30 -4.48 2.80
C PRO B 354 23.18 -4.13 3.78
N CYS B 355 23.36 -4.55 5.02
CA CYS B 355 22.27 -4.64 5.99
C CYS B 355 22.58 -3.97 7.32
N THR B 356 21.59 -3.30 7.89
CA THR B 356 21.71 -2.74 9.23
C THR B 356 21.23 -3.74 10.28
N SER B 357 20.35 -4.65 9.86
CA SER B 357 19.77 -5.62 10.78
C SER B 357 20.80 -6.67 11.18
N LYS B 358 21.80 -6.89 10.32
CA LYS B 358 22.85 -7.87 10.59
C LYS B 358 23.68 -7.49 11.81
N LYS B 359 23.74 -6.20 12.12
CA LYS B 359 24.46 -5.74 13.31
C LYS B 359 23.77 -6.23 14.58
N PHE B 360 22.44 -6.29 14.55
CA PHE B 360 21.67 -6.76 15.69
C PHE B 360 21.84 -8.26 15.87
N GLU B 361 21.83 -8.99 14.76
CA GLU B 361 21.95 -10.44 14.77
C GLU B 361 23.29 -10.85 15.37
N ALA B 362 24.36 -10.20 14.94
CA ALA B 362 25.71 -10.52 15.39
C ALA B 362 25.87 -10.27 16.89
N ASP B 363 25.04 -9.38 17.44
CA ASP B 363 25.13 -9.01 18.84
C ASP B 363 24.06 -9.71 19.69
N ARG B 364 23.41 -10.71 19.12
CA ARG B 364 22.50 -11.54 19.90
C ARG B 364 23.28 -12.29 20.97
N PRO B 365 22.84 -12.23 22.24
CA PRO B 365 23.60 -12.84 23.35
C PRO B 365 24.05 -14.27 23.12
N GLN B 366 23.16 -15.11 22.59
CA GLN B 366 23.45 -16.54 22.44
C GLN B 366 24.15 -16.86 21.12
N MET B 367 24.48 -15.85 20.34
CA MET B 367 25.27 -16.05 19.12
C MET B 367 26.75 -16.11 19.47
N GLU B 368 27.09 -17.08 20.32
CA GLU B 368 28.47 -17.30 20.73
C GLU B 368 28.64 -18.72 21.26
N LYS B 369 29.89 -19.12 21.51
CA LYS B 369 30.15 -20.41 22.13
C LYS B 369 31.50 -20.38 22.84
N ASP B 370 31.51 -20.86 24.08
CA ASP B 370 32.72 -20.89 24.90
C ASP B 370 33.32 -19.48 25.04
N GLY B 371 32.45 -18.48 25.12
CA GLY B 371 32.87 -17.11 25.30
C GLY B 371 33.35 -16.44 24.03
N LEU B 372 33.18 -17.12 22.90
CA LEU B 372 33.63 -16.61 21.60
C LEU B 372 32.46 -16.25 20.70
N ARG B 373 32.32 -14.95 20.43
CA ARG B 373 31.29 -14.44 19.53
C ARG B 373 31.43 -15.07 18.16
N ASP B 374 30.31 -15.39 17.52
CA ASP B 374 30.33 -15.86 16.13
C ASP B 374 30.94 -14.75 15.26
N ILE B 375 30.35 -13.56 15.36
CA ILE B 375 30.81 -12.39 14.63
C ILE B 375 31.14 -11.27 15.61
N ASP B 376 32.33 -10.70 15.49
CA ASP B 376 32.81 -9.68 16.42
C ASP B 376 32.45 -8.27 15.96
N ALA B 377 32.26 -8.08 14.65
CA ALA B 377 31.91 -6.78 14.12
C ALA B 377 31.24 -6.89 12.74
N VAL B 378 30.30 -5.98 12.50
CA VAL B 378 29.62 -5.88 11.21
C VAL B 378 29.65 -4.43 10.72
N ILE B 379 30.32 -4.20 9.59
CA ILE B 379 30.32 -2.89 8.95
C ILE B 379 29.49 -2.93 7.67
N THR B 380 28.74 -1.87 7.41
CA THR B 380 27.89 -1.81 6.22
C THR B 380 28.71 -1.57 4.96
N THR B 381 28.02 -1.62 3.82
CA THR B 381 28.67 -1.33 2.54
C THR B 381 29.20 0.10 2.56
N ARG B 382 28.42 1.01 3.12
CA ARG B 382 28.82 2.42 3.22
C ARG B 382 30.03 2.59 4.13
N GLU B 383 30.06 1.83 5.22
CA GLU B 383 31.15 1.91 6.19
C GLU B 383 32.47 1.45 5.59
N LEU B 384 32.42 0.39 4.79
CA LEU B 384 33.63 -0.10 4.13
C LEU B 384 34.15 0.92 3.13
N ALA B 385 33.23 1.57 2.41
CA ALA B 385 33.60 2.57 1.43
C ALA B 385 34.38 3.71 2.09
N LYS B 386 33.89 4.19 3.22
CA LYS B 386 34.54 5.27 3.95
C LYS B 386 35.93 4.84 4.42
N MET B 387 36.02 3.61 4.90
CA MET B 387 37.28 3.06 5.41
C MET B 387 38.32 3.02 4.31
N ILE B 388 37.90 2.59 3.11
CA ILE B 388 38.76 2.53 1.96
C ILE B 388 39.24 3.93 1.57
N LYS B 389 38.33 4.90 1.61
CA LYS B 389 38.63 6.27 1.22
C LYS B 389 39.52 6.98 2.25
N ASP B 390 39.35 6.62 3.53
CA ASP B 390 40.17 7.20 4.59
C ASP B 390 41.61 6.69 4.49
N ALA B 391 41.78 5.48 3.99
CA ALA B 391 43.11 4.89 3.84
C ALA B 391 43.73 5.28 2.51
N LYS B 392 43.05 6.15 1.77
CA LYS B 392 43.52 6.66 0.49
C LYS B 392 43.85 5.53 -0.50
N ILE B 393 43.03 4.49 -0.48
CA ILE B 393 43.17 3.38 -1.41
C ILE B 393 42.50 3.73 -2.75
N PRO B 394 43.25 3.60 -3.87
CA PRO B 394 42.68 3.93 -5.17
C PRO B 394 41.83 2.80 -5.73
N PHE B 395 40.65 2.59 -5.14
CA PHE B 395 39.80 1.44 -5.42
C PHE B 395 39.59 1.19 -6.91
N ALA B 396 39.24 2.24 -7.65
CA ALA B 396 38.91 2.10 -9.06
C ALA B 396 40.13 1.75 -9.91
N LYS B 397 41.32 1.88 -9.34
CA LYS B 397 42.55 1.62 -10.06
C LYS B 397 43.20 0.28 -9.65
N LEU B 398 42.60 -0.39 -8.68
CA LEU B 398 43.16 -1.63 -8.14
C LEU B 398 43.08 -2.80 -9.11
N GLU B 399 44.10 -3.64 -9.09
CA GLU B 399 44.09 -4.89 -9.84
C GLU B 399 43.34 -5.95 -9.02
N ASP B 400 42.83 -6.96 -9.72
CA ASP B 400 42.06 -8.02 -9.06
C ASP B 400 42.97 -8.96 -8.27
N SER B 401 42.43 -9.47 -7.17
CA SER B 401 43.08 -10.52 -6.39
C SER B 401 42.02 -11.55 -6.02
N GLU B 402 42.44 -12.63 -5.38
CA GLU B 402 41.52 -13.70 -5.01
C GLU B 402 41.45 -13.89 -3.51
N ALA B 403 40.32 -14.38 -3.03
CA ALA B 403 40.14 -14.67 -1.62
C ALA B 403 40.95 -15.88 -1.21
N ASP B 404 41.26 -15.97 0.09
CA ASP B 404 41.90 -17.16 0.63
C ASP B 404 40.87 -18.29 0.59
N PRO B 405 41.21 -19.40 -0.09
CA PRO B 405 40.19 -20.37 -0.55
C PRO B 405 39.52 -21.21 0.53
N ALA B 406 40.18 -21.42 1.67
CA ALA B 406 39.67 -22.35 2.68
C ALA B 406 38.22 -22.04 3.09
N MET B 407 37.93 -20.77 3.33
CA MET B 407 36.56 -20.33 3.62
C MET B 407 36.19 -19.16 2.71
N GLY B 408 36.72 -19.16 1.50
CA GLY B 408 36.55 -18.07 0.56
C GLY B 408 35.93 -18.49 -0.76
N GLU B 409 36.14 -19.76 -1.15
CA GLU B 409 35.53 -20.30 -2.36
C GLU B 409 34.02 -20.37 -2.18
N TYR B 410 33.29 -20.14 -3.28
CA TYR B 410 31.84 -20.27 -3.26
C TYR B 410 31.29 -20.70 -4.61
N SER B 411 30.14 -21.37 -4.58
CA SER B 411 29.46 -21.82 -5.79
C SER B 411 28.50 -20.75 -6.29
N GLY B 412 27.91 -21.00 -7.46
CA GLY B 412 26.95 -20.08 -8.04
C GLY B 412 25.65 -20.04 -7.26
N ALA B 413 25.42 -21.08 -6.46
CA ALA B 413 24.22 -21.15 -5.62
C ALA B 413 24.29 -20.12 -4.51
N GLY B 414 25.45 -20.05 -3.86
CA GLY B 414 25.65 -19.08 -2.79
C GLY B 414 25.77 -17.68 -3.32
N ALA B 415 26.13 -17.56 -4.61
CA ALA B 415 26.34 -16.26 -5.23
C ALA B 415 25.05 -15.45 -5.34
N ILE B 416 23.93 -16.12 -5.58
CA ILE B 416 22.66 -15.44 -5.86
C ILE B 416 21.86 -15.16 -4.60
N PHE B 417 22.45 -15.37 -3.44
CA PHE B 417 21.77 -15.20 -2.16
C PHE B 417 21.22 -13.78 -1.97
N GLY B 418 21.87 -12.80 -2.58
CA GLY B 418 21.55 -11.40 -2.37
C GLY B 418 20.30 -10.91 -3.08
N ALA B 419 19.75 -11.74 -3.96
CA ALA B 419 18.54 -11.39 -4.70
C ALA B 419 17.35 -12.17 -4.19
N THR B 420 16.17 -11.57 -4.27
CA THR B 420 14.93 -12.22 -3.86
C THR B 420 14.73 -13.49 -4.67
N GLY B 421 14.53 -14.61 -3.97
CA GLY B 421 14.39 -15.92 -4.61
C GLY B 421 15.71 -16.64 -4.76
N GLY B 422 16.78 -16.03 -4.26
CA GLY B 422 18.10 -16.62 -4.33
C GLY B 422 18.27 -17.82 -3.42
N VAL B 423 17.94 -17.62 -2.14
CA VAL B 423 18.03 -18.69 -1.16
C VAL B 423 17.17 -19.86 -1.59
N MET B 424 15.95 -19.56 -2.02
CA MET B 424 15.02 -20.58 -2.50
C MET B 424 15.65 -21.41 -3.61
N GLU B 425 16.08 -20.75 -4.67
CA GLU B 425 16.63 -21.44 -5.82
C GLU B 425 17.89 -22.22 -5.43
N ALA B 426 18.74 -21.61 -4.61
CA ALA B 426 19.97 -22.25 -4.16
C ALA B 426 19.66 -23.49 -3.34
N ALA B 427 18.60 -23.42 -2.56
CA ALA B 427 18.20 -24.52 -1.69
C ALA B 427 17.64 -25.69 -2.48
N LEU B 428 16.84 -25.39 -3.49
CA LEU B 428 16.19 -26.43 -4.28
C LEU B 428 17.19 -27.21 -5.12
N ARG B 429 18.26 -26.54 -5.54
CA ARG B 429 19.31 -27.21 -6.32
C ARG B 429 19.91 -28.36 -5.52
N SER B 430 20.11 -28.15 -4.23
CA SER B 430 20.72 -29.15 -3.37
C SER B 430 19.68 -30.13 -2.83
N ALA B 431 18.53 -29.59 -2.43
CA ALA B 431 17.47 -30.40 -1.83
C ALA B 431 16.98 -31.48 -2.79
N LYS B 432 16.95 -31.17 -4.09
CA LYS B 432 16.43 -32.11 -5.07
C LYS B 432 17.46 -33.19 -5.38
N ASP B 433 18.72 -32.76 -5.54
CA ASP B 433 19.81 -33.71 -5.75
C ASP B 433 19.93 -34.67 -4.57
N PHE B 434 19.79 -34.14 -3.37
CA PHE B 434 19.83 -34.95 -2.16
C PHE B 434 18.72 -35.99 -2.14
N ALA B 435 17.48 -35.52 -2.21
CA ALA B 435 16.32 -36.40 -2.07
C ALA B 435 16.27 -37.50 -3.13
N GLU B 436 16.76 -37.19 -4.32
CA GLU B 436 16.73 -38.13 -5.44
C GLU B 436 18.08 -38.83 -5.64
N ASN B 437 19.06 -38.48 -4.82
CA ASN B 437 20.41 -39.03 -4.91
C ASN B 437 20.93 -38.97 -6.35
N ALA B 438 20.87 -37.78 -6.94
CA ALA B 438 21.25 -37.60 -8.33
C ALA B 438 22.06 -36.33 -8.54
N GLU B 439 22.48 -36.11 -9.78
CA GLU B 439 23.19 -34.90 -10.17
C GLU B 439 22.51 -34.29 -11.39
N LEU B 440 21.41 -33.57 -11.14
CA LEU B 440 20.54 -33.08 -12.19
C LEU B 440 21.15 -31.92 -12.97
N GLU B 441 20.81 -31.84 -14.25
CA GLU B 441 21.36 -30.80 -15.13
C GLU B 441 20.52 -29.53 -15.08
N ASP B 442 19.20 -29.68 -15.00
CA ASP B 442 18.29 -28.53 -14.90
C ASP B 442 18.30 -27.98 -13.48
N ILE B 443 18.89 -26.80 -13.32
CA ILE B 443 19.08 -26.21 -12.00
C ILE B 443 18.59 -24.76 -11.92
N GLU B 444 18.05 -24.25 -13.01
CA GLU B 444 17.57 -22.87 -13.05
C GLU B 444 16.09 -22.78 -12.72
N TYR B 445 15.78 -22.14 -11.59
CA TYR B 445 14.40 -21.95 -11.14
C TYR B 445 13.98 -20.50 -11.36
N LYS B 446 13.79 -20.12 -12.62
CA LYS B 446 13.44 -18.75 -12.96
C LYS B 446 12.05 -18.37 -12.44
N GLN B 447 11.28 -19.36 -12.02
CA GLN B 447 9.92 -19.14 -11.55
C GLN B 447 9.88 -18.32 -10.26
N VAL B 448 10.97 -18.36 -9.49
CA VAL B 448 11.01 -17.69 -8.19
C VAL B 448 11.79 -16.38 -8.24
N ARG B 449 12.30 -16.02 -9.42
CA ARG B 449 13.08 -14.81 -9.58
C ARG B 449 12.18 -13.60 -9.85
N GLY B 450 12.76 -12.41 -9.78
CA GLY B 450 12.06 -11.19 -10.14
C GLY B 450 11.49 -10.42 -8.97
N LEU B 451 10.87 -9.28 -9.27
CA LEU B 451 10.43 -8.33 -8.25
C LEU B 451 8.95 -8.43 -7.89
N ASN B 452 8.28 -9.49 -8.33
CA ASN B 452 6.91 -9.73 -7.88
C ASN B 452 6.91 -9.93 -6.37
N GLY B 453 5.96 -9.30 -5.69
CA GLY B 453 5.93 -9.28 -4.24
C GLY B 453 5.72 -10.64 -3.61
N ILE B 454 4.85 -11.44 -4.23
CA ILE B 454 4.58 -12.80 -3.78
C ILE B 454 4.69 -13.74 -4.97
N LYS B 455 5.72 -14.59 -4.94
CA LYS B 455 5.98 -15.56 -5.99
C LYS B 455 5.81 -16.97 -5.46
N GLU B 456 5.08 -17.80 -6.20
CA GLU B 456 4.92 -19.21 -5.83
C GLU B 456 5.32 -20.12 -6.99
N ALA B 457 5.59 -21.37 -6.66
CA ALA B 457 5.94 -22.37 -7.68
C ALA B 457 5.67 -23.77 -7.16
N GLU B 458 5.40 -24.68 -8.10
CA GLU B 458 5.24 -26.09 -7.78
C GLU B 458 6.48 -26.83 -8.24
N VAL B 459 7.11 -27.56 -7.32
CA VAL B 459 8.35 -28.28 -7.61
C VAL B 459 8.17 -29.78 -7.37
N GLU B 460 8.72 -30.58 -8.28
CA GLU B 460 8.67 -32.03 -8.18
C GLU B 460 9.92 -32.56 -7.50
N ILE B 461 9.74 -33.27 -6.39
CA ILE B 461 10.83 -33.93 -5.69
C ILE B 461 10.45 -35.36 -5.38
N ASN B 462 11.15 -36.31 -6.00
CA ASN B 462 10.81 -37.73 -5.90
C ASN B 462 9.37 -37.99 -6.35
N ASN B 463 9.05 -37.51 -7.55
CA ASN B 463 7.74 -37.74 -8.16
C ASN B 463 6.58 -37.30 -7.26
N ASN B 464 6.86 -36.32 -6.40
CA ASN B 464 5.83 -35.73 -5.54
C ASN B 464 5.86 -34.21 -5.67
N LYS B 465 4.68 -33.61 -5.79
CA LYS B 465 4.57 -32.17 -6.00
C LYS B 465 4.54 -31.39 -4.69
N TYR B 466 5.54 -30.52 -4.51
CA TYR B 466 5.65 -29.68 -3.32
C TYR B 466 5.44 -28.22 -3.69
N ASN B 467 4.83 -27.48 -2.77
CA ASN B 467 4.52 -26.07 -2.97
C ASN B 467 5.52 -25.16 -2.24
N VAL B 468 6.14 -24.25 -2.99
CA VAL B 468 7.07 -23.28 -2.43
C VAL B 468 6.59 -21.87 -2.74
N ALA B 469 7.01 -20.91 -1.91
CA ALA B 469 6.64 -19.51 -2.12
C ALA B 469 7.77 -18.59 -1.68
N VAL B 470 8.01 -17.54 -2.46
CA VAL B 470 9.01 -16.53 -2.13
C VAL B 470 8.32 -15.21 -1.80
N ILE B 471 8.48 -14.77 -0.56
CA ILE B 471 7.93 -13.49 -0.11
C ILE B 471 8.97 -12.40 -0.24
N ASN B 472 8.70 -11.46 -1.15
CA ASN B 472 9.65 -10.40 -1.50
C ASN B 472 9.26 -9.07 -0.86
N GLY B 473 9.67 -8.87 0.39
CA GLY B 473 9.38 -7.64 1.12
C GLY B 473 8.59 -7.88 2.39
N ALA B 474 8.85 -7.08 3.40
CA ALA B 474 8.19 -7.23 4.70
C ALA B 474 6.69 -6.92 4.60
N SER B 475 6.34 -5.96 3.76
CA SER B 475 4.94 -5.59 3.57
C SER B 475 4.16 -6.72 2.90
N ASN B 476 4.86 -7.50 2.07
CA ASN B 476 4.23 -8.61 1.37
C ASN B 476 4.04 -9.81 2.27
N LEU B 477 4.86 -9.91 3.32
CA LEU B 477 4.70 -10.95 4.32
C LEU B 477 3.37 -10.76 5.05
N PHE B 478 3.09 -9.52 5.44
CA PHE B 478 1.82 -9.18 6.08
C PHE B 478 0.64 -9.49 5.16
N LYS B 479 0.75 -9.09 3.89
CA LYS B 479 -0.31 -9.37 2.92
C LYS B 479 -0.53 -10.87 2.77
N PHE B 480 0.56 -11.62 2.70
CA PHE B 480 0.51 -13.07 2.56
C PHE B 480 -0.24 -13.74 3.71
N MET B 481 0.02 -13.27 4.92
CA MET B 481 -0.59 -13.85 6.12
C MET B 481 -2.01 -13.33 6.35
N LYS B 482 -2.17 -12.01 6.29
CA LYS B 482 -3.44 -11.37 6.64
C LYS B 482 -4.57 -11.71 5.66
N SER B 483 -4.22 -11.93 4.39
CA SER B 483 -5.21 -12.21 3.36
C SER B 483 -5.64 -13.67 3.34
N GLY B 484 -4.88 -14.51 4.03
CA GLY B 484 -5.22 -15.92 4.14
C GLY B 484 -4.59 -16.79 3.06
N MET B 485 -3.70 -16.20 2.26
CA MET B 485 -3.02 -16.94 1.21
C MET B 485 -2.27 -18.14 1.79
N ILE B 486 -1.83 -18.00 3.04
CA ILE B 486 -1.09 -19.04 3.74
C ILE B 486 -1.92 -20.32 3.88
N ASN B 487 -3.24 -20.17 3.97
CA ASN B 487 -4.13 -21.30 4.22
C ASN B 487 -4.82 -21.84 2.97
N GLU B 488 -4.47 -21.30 1.81
CA GLU B 488 -5.13 -21.71 0.56
C GLU B 488 -4.61 -23.06 0.06
N LYS B 489 -3.41 -23.43 0.50
CA LYS B 489 -2.85 -24.73 0.16
C LYS B 489 -1.79 -25.12 1.17
N GLN B 490 -1.21 -26.30 0.98
CA GLN B 490 -0.15 -26.78 1.87
C GLN B 490 1.22 -26.36 1.34
N TYR B 491 1.79 -25.34 1.95
CA TYR B 491 3.13 -24.91 1.60
C TYR B 491 4.15 -25.74 2.36
N HIS B 492 5.31 -25.98 1.75
CA HIS B 492 6.34 -26.82 2.34
C HIS B 492 7.62 -26.04 2.63
N PHE B 493 7.93 -25.07 1.78
CA PHE B 493 9.15 -24.27 1.93
C PHE B 493 8.93 -22.83 1.46
N ILE B 494 9.11 -21.89 2.38
CA ILE B 494 8.85 -20.47 2.10
C ILE B 494 10.05 -19.59 2.45
N GLU B 495 10.52 -18.83 1.46
CA GLU B 495 11.54 -17.81 1.65
C GLU B 495 10.88 -16.48 2.03
N VAL B 496 11.53 -15.72 2.90
CA VAL B 496 11.08 -14.39 3.25
C VAL B 496 12.25 -13.43 3.37
N MET B 497 12.15 -12.31 2.68
CA MET B 497 13.12 -11.22 2.78
C MET B 497 12.40 -9.94 3.19
N ALA B 498 13.03 -9.18 4.09
CA ALA B 498 12.42 -7.97 4.64
C ALA B 498 12.47 -6.80 3.66
N CYS B 499 13.54 -6.73 2.88
CA CYS B 499 13.72 -5.65 1.91
C CYS B 499 13.30 -6.11 0.51
N HIS B 500 12.41 -5.35 -0.12
CA HIS B 500 11.94 -5.67 -1.46
C HIS B 500 13.12 -5.67 -2.44
N GLY B 501 13.23 -6.76 -3.20
CA GLY B 501 14.34 -6.95 -4.12
C GLY B 501 15.43 -7.83 -3.53
N GLY B 502 15.40 -7.99 -2.21
CA GLY B 502 16.39 -8.79 -1.51
C GLY B 502 17.49 -7.94 -0.90
N CYS B 503 18.57 -8.58 -0.49
CA CYS B 503 19.64 -7.90 0.22
C CYS B 503 20.34 -6.85 -0.63
N VAL B 504 20.24 -6.95 -1.96
CA VAL B 504 20.82 -5.94 -2.85
C VAL B 504 20.20 -4.56 -2.59
N ASN B 505 18.99 -4.54 -2.05
CA ASN B 505 18.32 -3.30 -1.66
C ASN B 505 18.29 -3.15 -0.14
N GLY B 506 19.34 -3.61 0.51
CA GLY B 506 19.40 -3.60 1.96
C GLY B 506 19.58 -2.21 2.54
N GLY B 507 19.39 -2.10 3.85
CA GLY B 507 19.41 -0.82 4.52
C GLY B 507 20.79 -0.22 4.72
N GLY B 508 21.83 -1.00 4.41
CA GLY B 508 23.20 -0.56 4.56
C GLY B 508 23.88 -0.32 3.22
N GLN B 509 23.08 -0.21 2.16
CA GLN B 509 23.61 -0.05 0.82
C GLN B 509 23.88 1.41 0.49
N PRO B 510 24.63 1.67 -0.59
CA PRO B 510 24.85 3.05 -1.04
C PRO B 510 23.55 3.78 -1.35
N HIS B 511 23.41 5.01 -0.86
CA HIS B 511 22.26 5.84 -1.20
C HIS B 511 22.23 6.13 -2.70
N VAL B 512 21.02 6.24 -3.24
CA VAL B 512 20.81 6.62 -4.63
C VAL B 512 19.78 7.75 -4.66
N ASN B 513 20.13 8.86 -5.32
CA ASN B 513 19.21 10.00 -5.35
C ASN B 513 17.99 9.68 -6.22
N PRO B 514 16.85 10.32 -5.92
CA PRO B 514 15.58 10.04 -6.60
C PRO B 514 15.67 10.09 -8.13
N LYS B 515 16.50 10.98 -8.66
CA LYS B 515 16.58 11.18 -10.10
C LYS B 515 17.28 10.00 -10.79
N ASP B 516 18.35 9.50 -10.18
CA ASP B 516 19.03 8.32 -10.71
C ASP B 516 18.13 7.09 -10.60
N LEU B 517 17.28 7.07 -9.57
CA LEU B 517 16.36 5.95 -9.36
C LEU B 517 15.31 5.89 -10.46
N GLU B 518 15.10 7.01 -11.15
CA GLU B 518 14.09 7.09 -12.20
C GLU B 518 14.65 6.61 -13.54
N LYS B 519 15.97 6.46 -13.62
CA LYS B 519 16.63 6.03 -14.86
C LYS B 519 17.21 4.63 -14.71
N VAL B 520 17.44 4.20 -13.47
CA VAL B 520 18.06 2.91 -13.18
C VAL B 520 17.19 2.07 -12.26
N ASP B 521 16.90 0.84 -12.68
CA ASP B 521 16.23 -0.13 -11.84
C ASP B 521 17.28 -0.74 -10.90
N ILE B 522 17.49 -0.10 -9.76
CA ILE B 522 18.62 -0.44 -8.90
C ILE B 522 18.53 -1.86 -8.37
N LYS B 523 17.31 -2.37 -8.20
CA LYS B 523 17.10 -3.72 -7.68
C LYS B 523 17.47 -4.77 -8.73
N LYS B 524 17.09 -4.52 -9.97
CA LYS B 524 17.37 -5.45 -11.06
C LYS B 524 18.85 -5.42 -11.41
N VAL B 525 19.40 -4.22 -11.52
CA VAL B 525 20.77 -4.02 -11.97
C VAL B 525 21.78 -4.63 -11.00
N ARG B 526 21.57 -4.42 -9.70
CA ARG B 526 22.46 -4.99 -8.70
C ARG B 526 22.36 -6.51 -8.70
N ALA B 527 21.13 -7.01 -8.86
CA ALA B 527 20.89 -8.45 -8.81
C ALA B 527 21.50 -9.17 -10.01
N SER B 528 21.61 -8.47 -11.14
CA SER B 528 22.09 -9.08 -12.36
C SER B 528 23.55 -9.47 -12.24
N VAL B 529 24.30 -8.73 -11.43
CA VAL B 529 25.70 -9.05 -11.16
C VAL B 529 25.81 -10.43 -10.53
N LEU B 530 24.93 -10.72 -9.58
CA LEU B 530 24.97 -11.98 -8.85
C LEU B 530 24.62 -13.15 -9.75
N TYR B 531 23.53 -13.02 -10.49
CA TYR B 531 23.11 -14.07 -11.42
C TYR B 531 24.15 -14.29 -12.51
N ASN B 532 24.86 -13.23 -12.87
CA ASN B 532 25.90 -13.32 -13.89
C ASN B 532 27.04 -14.20 -13.40
N GLN B 533 27.37 -14.08 -12.12
CA GLN B 533 28.42 -14.92 -11.54
C GLN B 533 27.98 -16.38 -11.54
N ASP B 534 26.73 -16.61 -11.16
CA ASP B 534 26.17 -17.96 -11.12
C ASP B 534 26.26 -18.64 -12.48
N GLU B 535 26.01 -17.89 -13.54
CA GLU B 535 26.00 -18.44 -14.88
C GLU B 535 27.40 -18.78 -15.39
N HIS B 536 28.43 -18.16 -14.82
CA HIS B 536 29.79 -18.32 -15.30
C HIS B 536 30.67 -19.18 -14.38
N LEU B 537 30.14 -19.56 -13.22
CA LEU B 537 30.87 -20.41 -12.29
C LEU B 537 30.75 -21.88 -12.69
N SER B 538 31.82 -22.64 -12.45
CA SER B 538 31.86 -24.05 -12.81
C SER B 538 31.00 -24.86 -11.84
N LYS B 539 31.01 -24.47 -10.57
CA LYS B 539 30.17 -25.10 -9.56
C LYS B 539 28.97 -24.21 -9.25
N ARG B 540 27.77 -24.74 -9.48
CA ARG B 540 26.53 -24.00 -9.28
C ARG B 540 25.64 -24.66 -8.24
N LYS B 541 26.22 -25.56 -7.44
CA LYS B 541 25.53 -26.20 -6.34
C LYS B 541 26.36 -26.10 -5.06
N SER B 542 25.71 -25.74 -3.96
CA SER B 542 26.41 -25.47 -2.71
C SER B 542 27.24 -26.66 -2.22
N HIS B 543 26.76 -27.87 -2.48
CA HIS B 543 27.44 -29.07 -2.00
C HIS B 543 28.59 -29.51 -2.92
N GLU B 544 28.83 -28.74 -3.96
CA GLU B 544 29.94 -29.01 -4.88
C GLU B 544 31.11 -28.04 -4.64
N ASN B 545 31.00 -27.25 -3.58
CA ASN B 545 32.08 -26.36 -3.15
C ASN B 545 33.23 -27.17 -2.57
N THR B 546 34.32 -27.29 -3.33
CA THR B 546 35.42 -28.17 -2.95
C THR B 546 35.98 -27.85 -1.57
N ALA B 547 36.13 -26.57 -1.27
CA ALA B 547 36.65 -26.15 0.03
C ALA B 547 35.67 -26.50 1.15
N LEU B 548 34.39 -26.39 0.86
CA LEU B 548 33.37 -26.70 1.85
C LEU B 548 33.30 -28.20 2.11
N VAL B 549 33.41 -28.98 1.05
CA VAL B 549 33.39 -30.44 1.16
C VAL B 549 34.50 -30.93 2.09
N LYS B 550 35.69 -30.39 1.92
CA LYS B 550 36.81 -30.79 2.76
C LYS B 550 36.60 -30.35 4.20
N MET B 551 35.90 -29.24 4.40
CA MET B 551 35.60 -28.76 5.75
C MET B 551 34.68 -29.74 6.48
N TYR B 552 33.68 -30.24 5.76
CA TYR B 552 32.73 -31.18 6.36
C TYR B 552 33.35 -32.56 6.55
N GLN B 553 34.14 -33.00 5.57
CA GLN B 553 34.76 -34.31 5.64
C GLN B 553 35.79 -34.40 6.77
N ASN B 554 36.55 -33.33 6.96
CA ASN B 554 37.67 -33.35 7.90
C ASN B 554 37.35 -32.85 9.31
N TYR B 555 36.21 -32.19 9.47
CA TYR B 555 35.88 -31.53 10.74
C TYR B 555 34.44 -31.77 11.21
N PHE B 556 33.47 -31.25 10.45
CA PHE B 556 32.07 -31.30 10.89
C PHE B 556 31.43 -32.67 10.73
N GLY B 557 31.85 -33.40 9.70
CA GLY B 557 31.32 -34.73 9.44
C GLY B 557 30.26 -34.72 8.36
N LYS B 558 29.02 -34.50 8.75
CA LYS B 558 27.89 -34.55 7.81
C LYS B 558 26.75 -33.66 8.31
N PRO B 559 26.14 -32.88 7.39
CA PRO B 559 25.12 -31.90 7.79
C PRO B 559 23.86 -32.54 8.37
N GLY B 560 23.22 -31.85 9.30
CA GLY B 560 22.02 -32.34 9.94
C GLY B 560 22.31 -33.23 11.13
N GLU B 561 23.54 -33.75 11.21
CA GLU B 561 23.94 -34.68 12.26
C GLU B 561 25.09 -34.15 13.11
N GLY B 562 25.23 -34.74 14.29
CA GLY B 562 26.41 -34.54 15.13
C GLY B 562 26.86 -33.12 15.36
N ARG B 563 28.17 -32.92 15.31
CA ARG B 563 28.78 -31.63 15.57
C ARG B 563 28.13 -30.54 14.74
N ALA B 564 27.85 -30.84 13.48
CA ALA B 564 27.25 -29.87 12.57
C ALA B 564 25.92 -29.35 13.13
N HIS B 565 25.06 -30.25 13.58
CA HIS B 565 23.74 -29.86 14.04
C HIS B 565 23.79 -29.16 15.40
N GLU B 566 24.87 -29.33 16.14
CA GLU B 566 24.97 -28.79 17.49
C GLU B 566 25.47 -27.35 17.53
N ILE B 567 26.39 -26.99 16.64
CA ILE B 567 27.01 -25.66 16.69
C ILE B 567 26.63 -24.79 15.49
N LEU B 568 26.31 -25.40 14.35
CA LEU B 568 25.97 -24.61 13.16
C LEU B 568 24.47 -24.29 13.06
N HIS B 569 23.73 -24.56 14.13
CA HIS B 569 22.28 -24.34 14.13
C HIS B 569 21.83 -23.40 15.25
N PHE B 570 20.61 -22.90 15.13
CA PHE B 570 20.06 -21.93 16.08
C PHE B 570 18.55 -21.81 15.96
N LYS B 571 17.83 -22.09 17.03
CA LYS B 571 16.37 -22.01 17.05
C LYS B 571 15.90 -20.85 17.92
N TYR B 572 14.81 -20.20 17.49
CA TYR B 572 14.29 -19.02 18.17
C TYR B 572 13.14 -19.40 19.10
N LYS B 573 13.03 -18.67 20.21
CA LYS B 573 12.01 -18.94 21.21
C LYS B 573 11.35 -17.66 21.73
N LYS B 574 10.08 -17.77 22.10
CA LYS B 574 9.35 -16.65 22.71
C LYS B 574 9.55 -16.67 24.23
N SER B 575 9.70 -15.50 24.82
CA SER B 575 9.91 -15.38 26.26
C SER B 575 9.62 -13.95 26.74
N ALA B 576 9.98 -13.65 27.99
CA ALA B 576 9.56 -12.41 28.65
C ALA B 576 10.64 -11.32 28.63
N TRP B 577 10.97 -10.83 27.43
CA TRP B 577 11.87 -9.68 27.29
C TRP B 577 13.18 -9.87 28.05
O3 FU8 C . -24.04 7.25 0.77
C4 FU8 C . -23.25 10.38 -0.94
C5 FU8 C . -24.68 10.29 1.02
C6 FU8 C . -25.34 10.74 3.60
C7 FU8 C . -24.99 12.81 1.84
O5 FU8 C . -25.88 10.32 0.96
O7 FU8 C . -25.66 13.74 1.52
N4 FU8 C . -23.54 10.69 -2.08
FE2 FU8 C . -23.99 11.51 2.44
N6 FU8 C . -26.03 10.26 4.36
S1 FU8 C . -22.26 12.15 1.03
S2 FU8 C . -22.55 9.83 3.07
FE1 FU8 C . -22.83 9.94 0.78
C3 FU8 C . -23.46 8.33 0.67
C2 FU8 C . -21.22 11.10 3.47
C1 FU8 C . -21.09 12.22 2.46
FE1 SF4 D . -20.64 4.89 2.08
FE2 SF4 D . -18.17 5.07 0.88
FE3 SF4 D . -18.57 6.16 3.36
FE4 SF4 D . -19.74 7.31 1.15
S1 SF4 D . -17.48 7.14 1.58
S2 SF4 D . -20.73 6.90 3.18
S3 SF4 D . -20.21 5.45 -0.11
S4 SF4 D . -18.67 3.93 2.81
FE1 SF4 E . -14.98 -3.08 2.69
FE2 SF4 E . -13.15 -5.10 3.07
FE3 SF4 E . -15.43 -5.55 1.59
FE4 SF4 E . -15.61 -5.21 4.31
S1 SF4 E . -14.56 -6.92 3.20
S2 SF4 E . -16.95 -4.25 2.71
S3 SF4 E . -13.95 -3.66 4.67
S4 SF4 E . -13.71 -4.11 1.07
FE1 SF4 F . -15.63 -11.97 -6.95
FE2 SF4 F . -13.13 -12.95 -7.45
FE3 SF4 F . -14.95 -14.49 -6.11
FE4 SF4 F . -13.85 -12.28 -4.89
S1 SF4 F . -12.74 -14.18 -5.56
S2 SF4 F . -16.07 -12.89 -4.90
S3 SF4 F . -13.65 -10.85 -6.67
S4 SF4 F . -15.11 -13.76 -8.28
FE1 SF4 G . -22.17 -16.08 -14.28
FE2 SF4 G . -21.89 -13.53 -15.24
FE3 SF4 G . -24.13 -14.21 -13.81
FE4 SF4 G . -23.77 -15.20 -16.33
S1 SF4 G . -24.06 -13.00 -15.75
S2 SF4 G . -24.44 -16.37 -14.48
S3 SF4 G . -21.50 -15.47 -16.39
S4 SF4 G . -21.96 -14.17 -13.03
FE1 FES H . -2.75 -12.51 -15.66
FE2 FES H . -4.83 -13.48 -14.24
S1 FES H . -2.80 -14.31 -14.37
S2 FES H . -4.82 -11.77 -15.63
MG MG I . 1.30 -10.36 -8.89
MG MG J . -48.39 2.90 -3.18
O3 FU8 K . 22.69 -8.98 4.70
C4 FU8 K . 23.05 -10.40 1.30
C5 FU8 K . 23.70 -11.60 3.40
C6 FU8 K . 23.60 -13.54 5.16
C7 FU8 K . 24.12 -14.13 2.55
O5 FU8 K . 24.78 -11.83 3.84
O7 FU8 K . 24.95 -14.74 1.98
N4 FU8 K . 23.74 -9.98 0.39
FE2 FU8 K . 22.78 -13.37 3.41
N6 FU8 K . 23.95 -13.68 6.24
S1 FU8 K . 21.74 -12.91 1.40
S2 FU8 K . 20.96 -12.28 4.30
FE1 FU8 K . 22.03 -11.03 2.68
C3 FU8 K . 22.36 -9.74 3.80
C2 FU8 K . 19.73 -13.36 3.35
C1 FU8 K . 20.13 -13.65 1.93
FE1 SF4 L . 19.10 -7.53 5.92
FE2 SF4 L . 17.26 -6.57 4.13
FE3 SF4 L . 16.85 -9.00 5.32
FE4 SF4 L . 18.85 -8.68 3.45
S1 SF4 L . 16.58 -8.48 3.10
S2 SF4 L . 19.02 -9.78 5.46
S3 SF4 L . 19.55 -6.55 3.90
S4 SF4 L . 16.92 -6.97 6.37
FE1 SF4 M . 12.62 -0.64 8.96
FE2 SF4 M . 10.61 1.06 9.68
FE3 SF4 M . 13.21 1.94 9.68
FE4 SF4 M . 12.38 0.17 11.58
S1 SF4 M . 11.65 2.32 11.31
S2 SF4 M . 14.31 0.06 10.35
S3 SF4 M . 10.87 -1.09 10.38
S4 SF4 M . 11.97 1.25 7.86
FE1 SF4 N . 15.57 12.04 7.17
FE2 SF4 N . 13.31 13.41 6.39
FE3 SF4 N . 14.25 13.64 8.96
FE4 SF4 N . 13.09 11.29 8.11
S1 SF4 N . 12.06 13.33 8.31
S2 SF4 N . 15.03 11.51 9.34
S3 SF4 N . 13.80 11.22 5.93
S4 SF4 N . 15.32 14.32 7.06
FE1 SF4 O . 23.62 18.79 6.46
FE2 SF4 O . 23.95 17.53 4.04
FE3 SF4 O . 25.50 16.81 6.19
FE4 SF4 O . 25.89 19.24 4.97
S1 SF4 O . 26.21 17.16 4.04
S2 SF4 O . 25.79 18.85 7.23
S3 SF4 O . 23.73 19.79 4.39
S4 SF4 O . 23.22 16.58 6.01
FE1 FES P . 6.47 18.56 -3.84
FE2 FES P . 7.80 18.55 -1.49
S1 FES P . 5.80 19.35 -1.91
S2 FES P . 8.50 17.81 -3.44
MG MG Q . 46.49 -6.20 12.80
#